data_3EY4
#
_entry.id   3EY4
#
_cell.length_a   49.043
_cell.length_b   138.482
_cell.length_c   155.336
_cell.angle_alpha   90.000
_cell.angle_beta   90.000
_cell.angle_gamma   90.000
#
_symmetry.space_group_name_H-M   'P 21 21 21'
#
loop_
_entity.id
_entity.type
_entity.pdbx_description
1 polymer '11-beta-Hydroxysteroid Dehydrogenase 1'
2 non-polymer 'NADPH DIHYDRO-NICOTINAMIDE-ADENINE-DINUCLEOTIDE PHOSPHATE'
3 non-polymer (5S)-2-{[(1S)-1-(4-fluorophenyl)ethyl]amino}-5-(1-hydroxy-1-methylethyl)-5-methyl-1,3-thiazol-4(5H)-one
#
_entity_poly.entity_id   1
_entity_poly.type   'polypeptide(L)'
_entity_poly.pdbx_seq_one_letter_code
;MHHHHHHEEFRPEMLQGKKVIVTGASKGIGREMAYHLAKMGAHVVVTARSKETLQKVVSHCLELGAASAHYIAGTMEDMT
FAEQFVAQAGKLMGGLDMLILNHITNTSLNLFHDDIHHVRKSMEVNFLSYVVLTVAALPMLKQSNGSIVVVSSLAGKVAY
PMVAAYSASKFALDGFFSSIRKEYSVSRVNVSITLCVLGLIDTETAMKAVSGIVHMQAAPKEECALEIIKGGALRQEEVY
YDSSLWTTLLIRNPSRKILEFLYSTSYNMDRFINK
;
_entity_poly.pdbx_strand_id   A,B,C,D
#
# COMPACT_ATOMS: atom_id res chain seq x y z
N GLU A 8 33.78 -10.48 16.47
CA GLU A 8 32.85 -10.73 15.32
C GLU A 8 33.52 -10.37 14.00
N GLU A 9 34.34 -11.28 13.47
CA GLU A 9 35.02 -11.01 12.21
C GLU A 9 34.34 -11.63 10.98
N PHE A 10 34.40 -10.92 9.86
CA PHE A 10 33.82 -11.36 8.59
C PHE A 10 34.55 -12.57 8.05
N ARG A 11 33.78 -13.51 7.50
CA ARG A 11 34.34 -14.72 6.92
C ARG A 11 33.75 -14.94 5.53
N PRO A 12 34.60 -14.97 4.50
CA PRO A 12 34.11 -15.19 3.13
C PRO A 12 33.23 -16.43 3.08
N GLU A 13 33.43 -17.27 4.07
CA GLU A 13 32.69 -18.51 4.20
C GLU A 13 31.29 -18.22 4.70
N MET A 14 31.07 -17.01 5.21
CA MET A 14 29.76 -16.59 5.71
C MET A 14 28.71 -16.57 4.61
N LEU A 15 29.14 -16.22 3.40
CA LEU A 15 28.27 -16.16 2.23
C LEU A 15 28.52 -17.38 1.37
N GLN A 16 28.00 -18.54 1.80
CA GLN A 16 28.21 -19.77 1.06
C GLN A 16 26.93 -20.41 0.54
N GLY A 17 25.83 -20.23 1.26
CA GLY A 17 24.58 -20.83 0.82
C GLY A 17 23.54 -19.77 0.53
N LYS A 18 23.89 -18.53 0.86
CA LYS A 18 23.01 -17.39 0.67
C LYS A 18 22.58 -17.12 -0.76
N LYS A 19 21.28 -16.92 -0.94
CA LYS A 19 20.69 -16.63 -2.25
C LYS A 19 20.63 -15.11 -2.38
N VAL A 20 21.68 -14.51 -2.93
CA VAL A 20 21.72 -13.06 -3.06
C VAL A 20 21.43 -12.49 -4.44
N ILE A 21 20.58 -11.45 -4.44
CA ILE A 21 20.20 -10.75 -5.66
C ILE A 21 21.10 -9.52 -5.73
N VAL A 22 21.48 -9.12 -6.94
CA VAL A 22 22.33 -7.95 -7.13
C VAL A 22 21.89 -7.20 -8.37
N THR A 23 21.33 -6.00 -8.17
CA THR A 23 20.87 -5.20 -9.29
C THR A 23 22.00 -4.35 -9.88
N GLY A 24 21.89 -4.06 -11.17
CA GLY A 24 22.91 -3.25 -11.83
C GLY A 24 24.26 -3.93 -11.78
N ALA A 25 24.25 -5.25 -11.93
CA ALA A 25 25.47 -6.05 -11.89
C ALA A 25 26.03 -6.29 -13.29
N SER A 26 25.45 -5.62 -14.28
CA SER A 26 25.90 -5.76 -15.65
C SER A 26 27.35 -5.30 -15.81
N LYS A 27 27.74 -4.29 -15.03
CA LYS A 27 29.10 -3.75 -15.10
C LYS A 27 29.45 -2.96 -13.84
N GLY A 28 30.63 -2.34 -13.82
CA GLY A 28 31.06 -1.55 -12.69
C GLY A 28 30.89 -2.29 -11.38
N ILE A 29 30.76 -1.53 -10.29
CA ILE A 29 30.58 -2.12 -8.96
C ILE A 29 29.68 -3.36 -9.02
N GLY A 30 28.44 -3.14 -9.45
CA GLY A 30 27.47 -4.23 -9.56
C GLY A 30 28.10 -5.54 -9.98
N ARG A 31 28.77 -5.54 -11.12
CA ARG A 31 29.41 -6.74 -11.65
C ARG A 31 30.40 -7.30 -10.64
N GLU A 32 31.22 -6.43 -10.07
CA GLU A 32 32.22 -6.84 -9.10
C GLU A 32 31.63 -7.56 -7.90
N MET A 33 30.53 -7.05 -7.38
CA MET A 33 29.89 -7.69 -6.24
C MET A 33 29.45 -9.08 -6.69
N ALA A 34 28.99 -9.15 -7.93
CA ALA A 34 28.52 -10.39 -8.53
C ALA A 34 29.59 -11.47 -8.55
N TYR A 35 30.82 -11.07 -8.86
CA TYR A 35 31.91 -12.02 -8.91
C TYR A 35 32.31 -12.45 -7.52
N HIS A 36 32.58 -11.49 -6.64
CA HIS A 36 32.96 -11.83 -5.27
C HIS A 36 31.98 -12.83 -4.70
N LEU A 37 30.70 -12.46 -4.71
CA LEU A 37 29.66 -13.34 -4.19
C LEU A 37 29.68 -14.69 -4.91
N ALA A 38 29.98 -14.67 -6.21
CA ALA A 38 30.05 -15.88 -7.01
C ALA A 38 31.16 -16.78 -6.50
N LYS A 39 32.40 -16.28 -6.55
CA LYS A 39 33.57 -17.02 -6.09
C LYS A 39 33.31 -17.54 -4.67
N MET A 40 32.54 -16.79 -3.89
CA MET A 40 32.21 -17.15 -2.52
C MET A 40 31.14 -18.25 -2.49
N GLY A 41 30.91 -18.86 -3.64
CA GLY A 41 29.94 -19.94 -3.74
C GLY A 41 28.59 -19.63 -3.13
N ALA A 42 27.68 -19.06 -3.90
CA ALA A 42 26.35 -18.73 -3.42
C ALA A 42 25.41 -18.46 -4.58
N HIS A 43 24.12 -18.70 -4.37
CA HIS A 43 23.13 -18.45 -5.40
C HIS A 43 23.00 -16.95 -5.62
N VAL A 44 23.33 -16.49 -6.82
CA VAL A 44 23.23 -15.07 -7.12
C VAL A 44 22.42 -14.80 -8.38
N VAL A 45 21.65 -13.73 -8.37
CA VAL A 45 20.82 -13.35 -9.51
C VAL A 45 21.14 -11.93 -9.92
N VAL A 46 21.73 -11.77 -11.09
CA VAL A 46 22.08 -10.44 -11.56
C VAL A 46 21.01 -9.91 -12.50
N THR A 47 20.70 -8.62 -12.39
CA THR A 47 19.70 -7.99 -13.24
C THR A 47 20.19 -6.66 -13.78
N ALA A 48 19.76 -6.35 -15.00
CA ALA A 48 20.13 -5.11 -15.67
C ALA A 48 19.26 -5.00 -16.91
N ARG A 49 19.86 -4.53 -17.99
CA ARG A 49 19.17 -4.38 -19.26
C ARG A 49 20.12 -4.74 -20.38
N SER A 50 20.83 -5.86 -20.25
CA SER A 50 21.77 -6.23 -21.29
C SER A 50 21.84 -7.71 -21.59
N LYS A 51 21.24 -8.07 -22.72
CA LYS A 51 21.18 -9.44 -23.20
C LYS A 51 22.40 -10.26 -22.77
N GLU A 52 23.41 -10.27 -23.64
CA GLU A 52 24.62 -11.04 -23.41
C GLU A 52 25.58 -10.41 -22.42
N THR A 53 25.39 -9.12 -22.13
CA THR A 53 26.27 -8.45 -21.18
C THR A 53 26.12 -9.16 -19.84
N LEU A 54 24.89 -9.61 -19.59
CA LEU A 54 24.57 -10.34 -18.37
C LEU A 54 24.97 -11.80 -18.62
N GLN A 55 24.46 -12.33 -19.73
CA GLN A 55 24.73 -13.70 -20.13
C GLN A 55 26.23 -13.98 -19.99
N LYS A 56 27.04 -12.93 -20.08
CA LYS A 56 28.48 -13.08 -19.98
C LYS A 56 29.00 -13.10 -18.56
N VAL A 57 28.31 -12.42 -17.64
CA VAL A 57 28.76 -12.40 -16.26
C VAL A 57 28.27 -13.64 -15.54
N VAL A 58 27.11 -14.14 -15.95
CA VAL A 58 26.57 -15.35 -15.33
C VAL A 58 27.58 -16.47 -15.54
N SER A 59 28.02 -16.61 -16.79
CA SER A 59 29.00 -17.63 -17.15
C SER A 59 30.22 -17.46 -16.28
N HIS A 60 30.77 -16.25 -16.28
CA HIS A 60 31.95 -15.94 -15.49
C HIS A 60 31.76 -16.28 -14.01
N CYS A 61 30.54 -16.09 -13.51
CA CYS A 61 30.24 -16.40 -12.11
C CYS A 61 30.38 -17.88 -11.84
N LEU A 62 29.58 -18.67 -12.54
CA LEU A 62 29.60 -20.13 -12.40
C LEU A 62 31.04 -20.64 -12.40
N GLU A 63 31.87 -20.11 -13.29
CA GLU A 63 33.27 -20.52 -13.37
C GLU A 63 34.06 -20.16 -12.12
N LEU A 64 33.94 -18.91 -11.68
CA LEU A 64 34.64 -18.42 -10.51
C LEU A 64 34.42 -19.28 -9.28
N GLY A 65 33.31 -20.01 -9.27
CA GLY A 65 33.00 -20.88 -8.15
C GLY A 65 31.66 -20.53 -7.54
N ALA A 66 30.68 -20.24 -8.40
CA ALA A 66 29.35 -19.89 -7.94
C ALA A 66 28.68 -21.07 -7.24
N ALA A 67 27.36 -21.14 -7.38
CA ALA A 67 26.57 -22.20 -6.78
C ALA A 67 25.21 -22.03 -7.42
N SER A 68 25.18 -21.08 -8.34
CA SER A 68 23.98 -20.71 -9.08
C SER A 68 24.32 -19.41 -9.81
N ALA A 69 23.49 -19.04 -10.78
CA ALA A 69 23.71 -17.82 -11.52
C ALA A 69 22.68 -17.73 -12.62
N HIS A 70 21.98 -16.61 -12.64
CA HIS A 70 20.94 -16.36 -13.63
C HIS A 70 21.00 -14.89 -13.99
N TYR A 71 19.92 -14.41 -14.58
CA TYR A 71 19.83 -13.02 -14.96
C TYR A 71 18.39 -12.78 -15.40
N ILE A 72 17.93 -11.54 -15.27
CA ILE A 72 16.58 -11.20 -15.67
C ILE A 72 16.63 -9.76 -16.15
N ALA A 73 16.67 -9.59 -17.46
CA ALA A 73 16.74 -8.26 -18.06
C ALA A 73 15.43 -7.47 -17.95
N GLY A 74 15.57 -6.17 -17.72
CA GLY A 74 14.41 -5.31 -17.60
C GLY A 74 14.83 -3.98 -17.02
N THR A 75 14.24 -2.90 -17.53
CA THR A 75 14.54 -1.55 -17.05
C THR A 75 13.83 -1.33 -15.73
N MET A 76 14.52 -0.69 -14.80
CA MET A 76 13.96 -0.42 -13.50
C MET A 76 13.01 0.77 -13.54
N GLU A 77 12.65 1.17 -14.75
CA GLU A 77 11.71 2.28 -14.95
C GLU A 77 10.30 1.69 -14.85
N ASP A 78 10.19 0.44 -15.25
CA ASP A 78 8.91 -0.27 -15.20
C ASP A 78 8.81 -0.92 -13.83
N MET A 79 8.18 -0.21 -12.89
CA MET A 79 8.03 -0.70 -11.53
C MET A 79 7.53 -2.14 -11.52
N THR A 80 6.62 -2.46 -12.44
CA THR A 80 6.10 -3.81 -12.50
C THR A 80 7.17 -4.83 -12.87
N PHE A 81 8.21 -4.41 -13.58
CA PHE A 81 9.28 -5.36 -13.90
C PHE A 81 9.94 -5.75 -12.58
N ALA A 82 10.22 -4.74 -11.76
CA ALA A 82 10.84 -4.97 -10.45
C ALA A 82 9.85 -5.73 -9.60
N GLU A 83 8.57 -5.51 -9.88
CA GLU A 83 7.51 -6.20 -9.19
C GLU A 83 7.74 -7.69 -9.36
N GLN A 84 7.46 -8.20 -10.56
CA GLN A 84 7.62 -9.61 -10.85
C GLN A 84 9.08 -10.08 -11.00
N PHE A 85 10.03 -9.14 -11.00
CA PHE A 85 11.41 -9.54 -11.10
C PHE A 85 11.74 -10.31 -9.85
N VAL A 86 11.54 -9.65 -8.71
CA VAL A 86 11.83 -10.26 -7.43
C VAL A 86 11.04 -11.55 -7.37
N ALA A 87 9.80 -11.47 -7.82
CA ALA A 87 8.91 -12.62 -7.83
C ALA A 87 9.61 -13.84 -8.42
N GLN A 88 9.90 -13.78 -9.72
CA GLN A 88 10.54 -14.87 -10.43
C GLN A 88 11.96 -15.14 -10.02
N ALA A 89 12.65 -14.15 -9.48
CA ALA A 89 14.03 -14.35 -9.03
C ALA A 89 13.95 -15.18 -7.74
N GLY A 90 12.80 -15.10 -7.08
CA GLY A 90 12.56 -15.83 -5.85
C GLY A 90 12.02 -17.21 -6.18
N LYS A 91 11.11 -17.26 -7.15
CA LYS A 91 10.56 -18.53 -7.59
C LYS A 91 11.67 -19.08 -8.47
N LEU A 92 12.89 -19.07 -7.95
CA LEU A 92 14.02 -19.53 -8.72
C LEU A 92 15.15 -19.98 -7.82
N MET A 93 15.37 -19.24 -6.73
CA MET A 93 16.42 -19.60 -5.77
C MET A 93 15.76 -20.20 -4.56
N GLY A 94 14.47 -19.90 -4.41
CA GLY A 94 13.72 -20.40 -3.28
C GLY A 94 13.99 -19.50 -2.10
N GLY A 95 13.38 -18.32 -2.12
CA GLY A 95 13.55 -17.36 -1.05
C GLY A 95 14.72 -16.42 -1.32
N LEU A 96 14.77 -15.32 -0.56
CA LEU A 96 15.84 -14.34 -0.72
C LEU A 96 16.58 -14.10 0.59
N ASP A 97 17.91 -14.12 0.55
CA ASP A 97 18.69 -13.91 1.77
C ASP A 97 19.42 -12.58 1.92
N MET A 98 19.44 -11.77 0.87
CA MET A 98 20.11 -10.48 0.94
C MET A 98 20.02 -9.69 -0.35
N LEU A 99 19.12 -8.73 -0.40
CA LEU A 99 18.96 -7.93 -1.60
C LEU A 99 20.05 -6.86 -1.71
N ILE A 100 20.62 -6.72 -2.89
CA ILE A 100 21.67 -5.72 -3.11
C ILE A 100 21.27 -4.77 -4.20
N LEU A 101 20.45 -3.78 -3.85
CA LEU A 101 20.00 -2.77 -4.79
C LEU A 101 21.26 -1.95 -5.07
N ASN A 102 21.55 -1.67 -6.34
CA ASN A 102 22.76 -0.93 -6.69
C ASN A 102 22.71 -0.27 -8.07
N HIS A 103 21.69 -0.61 -8.86
CA HIS A 103 21.53 -0.07 -10.21
C HIS A 103 21.21 1.43 -10.17
N ILE A 104 21.48 2.14 -11.27
CA ILE A 104 21.20 3.58 -11.38
C ILE A 104 21.05 4.06 -12.82
N THR A 105 20.12 4.97 -13.05
CA THR A 105 19.92 5.52 -14.38
C THR A 105 21.20 6.25 -14.70
N ASN A 106 21.73 6.05 -15.89
CA ASN A 106 22.98 6.71 -16.27
C ASN A 106 22.84 8.22 -16.21
N THR A 107 23.85 8.89 -15.66
CA THR A 107 23.85 10.34 -15.54
C THR A 107 25.23 10.93 -15.76
N SER A 108 25.25 12.16 -16.28
CA SER A 108 26.47 12.88 -16.54
C SER A 108 26.52 14.18 -15.73
N LEU A 109 27.61 14.92 -15.89
CA LEU A 109 27.83 16.18 -15.19
C LEU A 109 27.21 17.34 -15.91
N ASN A 110 26.21 17.96 -15.30
CA ASN A 110 25.57 19.09 -15.92
C ASN A 110 24.92 19.99 -14.90
N LEU A 111 24.84 21.27 -15.21
CA LEU A 111 24.17 22.22 -14.34
C LEU A 111 22.69 22.00 -14.60
N PHE A 112 21.87 22.13 -13.57
CA PHE A 112 20.43 21.94 -13.76
C PHE A 112 19.78 23.14 -14.43
N HIS A 113 18.93 22.85 -15.41
CA HIS A 113 18.22 23.89 -16.14
C HIS A 113 16.72 23.63 -16.23
N ASP A 114 16.34 22.59 -16.98
CA ASP A 114 14.93 22.28 -17.16
C ASP A 114 14.70 20.80 -17.41
N ASP A 115 15.72 20.00 -17.15
CA ASP A 115 15.66 18.57 -17.38
C ASP A 115 14.84 17.82 -16.32
N ILE A 116 13.62 18.27 -16.02
CA ILE A 116 12.84 17.58 -15.01
C ILE A 116 12.60 16.13 -15.39
N HIS A 117 12.59 15.85 -16.70
CA HIS A 117 12.38 14.47 -17.15
C HIS A 117 13.47 13.59 -16.58
N HIS A 118 14.70 14.11 -16.61
CA HIS A 118 15.84 13.39 -16.07
C HIS A 118 15.82 13.45 -14.55
N VAL A 119 15.22 14.49 -13.98
CA VAL A 119 15.13 14.60 -12.54
C VAL A 119 14.18 13.49 -12.10
N ARG A 120 13.08 13.34 -12.84
CA ARG A 120 12.10 12.32 -12.52
C ARG A 120 12.67 10.93 -12.74
N LYS A 121 13.33 10.72 -13.88
CA LYS A 121 13.92 9.42 -14.19
C LYS A 121 14.73 8.88 -13.01
N SER A 122 15.64 9.73 -12.52
CA SER A 122 16.50 9.40 -11.40
C SER A 122 15.65 9.09 -10.20
N MET A 123 14.78 10.03 -9.86
CA MET A 123 13.92 9.87 -8.71
C MET A 123 12.98 8.69 -8.83
N GLU A 124 13.04 7.99 -9.96
CA GLU A 124 12.18 6.84 -10.19
C GLU A 124 13.09 5.61 -10.14
N VAL A 125 14.05 5.59 -11.04
CA VAL A 125 15.00 4.50 -11.12
C VAL A 125 15.88 4.40 -9.88
N ASN A 126 16.66 5.44 -9.63
CA ASN A 126 17.57 5.48 -8.49
C ASN A 126 16.96 5.31 -7.11
N PHE A 127 15.71 5.71 -6.94
CA PHE A 127 15.04 5.63 -5.65
C PHE A 127 13.76 4.78 -5.61
N LEU A 128 12.72 5.33 -6.22
CA LEU A 128 11.41 4.71 -6.28
C LEU A 128 11.43 3.22 -6.60
N SER A 129 12.34 2.80 -7.46
CA SER A 129 12.41 1.38 -7.79
C SER A 129 12.99 0.60 -6.62
N TYR A 130 13.85 1.25 -5.84
CA TYR A 130 14.47 0.60 -4.70
C TYR A 130 13.44 0.20 -3.67
N VAL A 131 12.36 0.97 -3.60
CA VAL A 131 11.29 0.66 -2.67
C VAL A 131 10.53 -0.52 -3.23
N VAL A 132 10.12 -0.40 -4.49
CA VAL A 132 9.39 -1.45 -5.15
C VAL A 132 10.13 -2.77 -4.98
N LEU A 133 11.43 -2.77 -5.25
CA LEU A 133 12.24 -3.98 -5.08
C LEU A 133 12.20 -4.48 -3.63
N THR A 134 12.28 -3.56 -2.69
CA THR A 134 12.27 -3.94 -1.28
C THR A 134 10.92 -4.55 -0.89
N VAL A 135 9.85 -3.79 -1.11
CA VAL A 135 8.51 -4.27 -0.77
C VAL A 135 8.41 -5.73 -1.20
N ALA A 136 8.72 -5.99 -2.46
CA ALA A 136 8.66 -7.34 -3.02
C ALA A 136 9.52 -8.34 -2.26
N ALA A 137 10.81 -8.07 -2.17
CA ALA A 137 11.73 -8.96 -1.50
C ALA A 137 11.53 -9.04 0.01
N LEU A 138 10.79 -8.12 0.59
CA LEU A 138 10.62 -8.14 2.05
C LEU A 138 10.10 -9.47 2.62
N PRO A 139 8.87 -9.89 2.24
CA PRO A 139 8.36 -11.15 2.77
C PRO A 139 9.46 -12.20 2.86
N MET A 140 10.04 -12.54 1.71
CA MET A 140 11.11 -13.51 1.69
C MET A 140 12.16 -13.15 2.74
N LEU A 141 12.67 -11.92 2.66
CA LEU A 141 13.69 -11.43 3.57
C LEU A 141 13.28 -11.58 5.03
N LYS A 142 12.09 -11.11 5.36
CA LYS A 142 11.63 -11.22 6.74
C LYS A 142 11.82 -12.67 7.15
N GLN A 143 11.32 -13.57 6.32
CA GLN A 143 11.37 -15.01 6.59
C GLN A 143 12.78 -15.62 6.63
N SER A 144 13.77 -14.92 6.11
CA SER A 144 15.13 -15.46 6.12
C SER A 144 16.02 -14.63 7.04
N ASN A 145 15.50 -13.49 7.47
CA ASN A 145 16.26 -12.57 8.31
C ASN A 145 17.34 -12.00 7.40
N GLY A 146 16.92 -11.67 6.18
CA GLY A 146 17.83 -11.13 5.20
C GLY A 146 18.35 -9.75 5.52
N SER A 147 19.38 -9.36 4.77
CA SER A 147 20.01 -8.06 4.91
C SER A 147 19.74 -7.26 3.64
N ILE A 148 19.67 -5.96 3.75
CA ILE A 148 19.45 -5.14 2.58
C ILE A 148 20.67 -4.26 2.45
N VAL A 149 21.10 -4.01 1.21
CA VAL A 149 22.26 -3.17 0.97
C VAL A 149 21.94 -2.13 -0.10
N VAL A 150 21.83 -0.86 0.32
CA VAL A 150 21.55 0.23 -0.59
C VAL A 150 22.84 1.01 -0.85
N VAL A 151 23.47 0.76 -2.01
CA VAL A 151 24.71 1.43 -2.38
C VAL A 151 24.45 2.90 -2.63
N SER A 152 25.22 3.75 -1.97
CA SER A 152 25.04 5.19 -2.12
C SER A 152 26.36 5.93 -2.31
N SER A 153 26.28 7.24 -2.44
CA SER A 153 27.45 8.06 -2.67
C SER A 153 27.66 9.16 -1.66
N LEU A 154 28.81 9.80 -1.76
CA LEU A 154 29.12 10.92 -0.89
C LEU A 154 28.03 11.96 -1.17
N ALA A 155 27.70 12.09 -2.45
CA ALA A 155 26.67 13.04 -2.89
C ALA A 155 25.37 12.77 -2.18
N GLY A 156 25.23 11.59 -1.59
CA GLY A 156 24.02 11.24 -0.88
C GLY A 156 24.11 11.65 0.58
N LYS A 157 25.23 12.27 0.92
CA LYS A 157 25.48 12.71 2.29
C LYS A 157 25.86 14.18 2.30
N VAL A 158 26.42 14.64 1.19
CA VAL A 158 26.85 16.02 1.09
C VAL A 158 26.44 16.68 -0.22
N ALA A 159 26.19 17.99 -0.15
CA ALA A 159 25.80 18.77 -1.33
C ALA A 159 26.98 18.86 -2.27
N TYR A 160 26.72 18.69 -3.55
CA TYR A 160 27.78 18.73 -4.53
C TYR A 160 27.19 19.20 -5.85
N PRO A 161 27.79 20.23 -6.47
CA PRO A 161 27.38 20.82 -7.74
C PRO A 161 27.58 19.93 -8.95
N MET A 162 26.67 20.05 -9.94
CA MET A 162 26.70 19.29 -11.19
C MET A 162 26.01 17.92 -11.15
N VAL A 163 25.48 17.56 -9.99
CA VAL A 163 24.83 16.26 -9.83
C VAL A 163 23.55 16.35 -9.00
N ALA A 164 22.79 17.43 -9.20
CA ALA A 164 21.53 17.67 -8.48
C ALA A 164 20.55 16.50 -8.43
N ALA A 165 19.94 16.19 -9.59
CA ALA A 165 18.97 15.10 -9.67
C ALA A 165 19.57 13.80 -9.12
N TYR A 166 20.87 13.60 -9.33
CA TYR A 166 21.51 12.40 -8.84
C TYR A 166 21.55 12.41 -7.31
N SER A 167 22.16 13.44 -6.74
CA SER A 167 22.27 13.58 -5.29
C SER A 167 20.91 13.58 -4.57
N ALA A 168 19.91 14.18 -5.20
CA ALA A 168 18.59 14.22 -4.59
C ALA A 168 18.03 12.82 -4.36
N SER A 169 18.38 11.89 -5.24
CA SER A 169 17.89 10.52 -5.12
C SER A 169 18.62 9.72 -4.04
N LYS A 170 19.92 9.90 -3.97
CA LYS A 170 20.73 9.18 -2.99
C LYS A 170 20.40 9.69 -1.58
N PHE A 171 20.05 10.97 -1.50
CA PHE A 171 19.66 11.57 -0.23
C PHE A 171 18.34 10.92 0.14
N ALA A 172 17.51 10.71 -0.87
CA ALA A 172 16.20 10.10 -0.65
C ALA A 172 16.32 8.72 0.00
N LEU A 173 17.28 7.93 -0.49
CA LEU A 173 17.51 6.61 0.07
C LEU A 173 17.87 6.65 1.56
N ASP A 174 18.60 7.68 1.98
CA ASP A 174 18.98 7.83 3.38
C ASP A 174 17.71 8.12 4.17
N GLY A 175 17.05 9.20 3.78
CA GLY A 175 15.83 9.57 4.47
C GLY A 175 14.85 8.44 4.56
N PHE A 176 14.84 7.56 3.56
CA PHE A 176 13.88 6.46 3.58
C PHE A 176 14.33 5.25 4.34
N PHE A 177 15.43 4.66 3.89
CA PHE A 177 15.94 3.46 4.52
C PHE A 177 16.33 3.60 5.98
N SER A 178 16.86 4.75 6.34
CA SER A 178 17.25 4.97 7.72
C SER A 178 16.01 5.01 8.62
N SER A 179 14.91 5.52 8.07
CA SER A 179 13.63 5.63 8.77
C SER A 179 13.01 4.26 8.88
N ILE A 180 13.06 3.54 7.76
CA ILE A 180 12.50 2.20 7.72
C ILE A 180 13.32 1.39 8.71
N ARG A 181 14.62 1.60 8.71
CA ARG A 181 15.45 0.87 9.65
C ARG A 181 14.86 1.05 11.05
N LYS A 182 14.53 2.28 11.40
CA LYS A 182 13.99 2.52 12.73
C LYS A 182 12.68 1.81 12.98
N GLU A 183 11.76 1.90 12.02
CA GLU A 183 10.47 1.23 12.19
C GLU A 183 10.71 -0.26 12.43
N TYR A 184 11.54 -0.89 11.59
CA TYR A 184 11.83 -2.32 11.77
C TYR A 184 12.39 -2.56 13.16
N SER A 185 13.32 -1.71 13.59
CA SER A 185 13.92 -1.83 14.91
C SER A 185 12.90 -2.14 15.98
N VAL A 186 11.97 -1.21 16.18
CA VAL A 186 10.94 -1.34 17.18
C VAL A 186 9.85 -2.34 16.78
N SER A 187 9.79 -2.64 15.50
CA SER A 187 8.78 -3.57 14.98
C SER A 187 9.27 -5.01 15.00
N ARG A 188 10.26 -5.29 15.83
CA ARG A 188 10.85 -6.61 15.98
C ARG A 188 11.36 -7.30 14.71
N VAL A 189 11.08 -6.73 13.54
CA VAL A 189 11.54 -7.29 12.26
C VAL A 189 13.05 -7.41 12.23
N ASN A 190 13.55 -8.63 12.10
CA ASN A 190 15.00 -8.81 12.12
C ASN A 190 15.69 -8.84 10.74
N VAL A 191 15.40 -7.83 9.93
CA VAL A 191 15.98 -7.70 8.59
C VAL A 191 17.02 -6.57 8.56
N SER A 192 18.28 -6.94 8.36
CA SER A 192 19.38 -5.99 8.32
C SER A 192 19.24 -4.96 7.19
N ILE A 193 19.80 -3.76 7.39
CA ILE A 193 19.75 -2.70 6.39
C ILE A 193 21.04 -1.87 6.39
N THR A 194 21.88 -2.10 5.38
CA THR A 194 23.16 -1.41 5.25
C THR A 194 23.16 -0.30 4.19
N LEU A 195 23.74 0.84 4.52
CA LEU A 195 23.82 1.98 3.58
C LEU A 195 25.27 2.30 3.26
N CYS A 196 25.63 2.29 1.99
CA CYS A 196 27.02 2.55 1.64
C CYS A 196 27.30 3.87 0.96
N VAL A 197 28.02 4.75 1.65
CA VAL A 197 28.39 6.04 1.08
C VAL A 197 29.74 5.84 0.41
N LEU A 198 29.75 5.84 -0.92
CA LEU A 198 30.98 5.64 -1.66
C LEU A 198 31.63 6.92 -2.14
N GLY A 199 32.95 6.89 -2.22
CA GLY A 199 33.68 8.03 -2.72
C GLY A 199 33.88 7.73 -4.20
N LEU A 200 34.78 8.45 -4.86
CA LEU A 200 35.04 8.22 -6.28
C LEU A 200 35.62 6.83 -6.54
N ILE A 201 34.86 6.00 -7.26
CA ILE A 201 35.27 4.64 -7.61
C ILE A 201 35.67 4.56 -9.09
N ASP A 202 36.76 3.87 -9.38
CA ASP A 202 37.30 3.74 -10.73
C ASP A 202 36.49 2.95 -11.76
N THR A 203 35.21 3.23 -11.90
CA THR A 203 34.43 2.50 -12.89
C THR A 203 34.54 3.15 -14.26
N GLU A 204 34.30 2.35 -15.30
CA GLU A 204 34.35 2.83 -16.68
C GLU A 204 33.37 3.98 -16.84
N THR A 205 32.29 3.93 -16.05
CA THR A 205 31.25 4.93 -16.07
C THR A 205 31.71 6.27 -15.51
N ALA A 206 32.18 6.27 -14.27
CA ALA A 206 32.67 7.49 -13.64
C ALA A 206 33.89 8.03 -14.37
N MET A 207 34.85 7.14 -14.64
CA MET A 207 36.07 7.52 -15.34
C MET A 207 35.81 7.66 -16.82
N LYS A 208 34.88 8.57 -17.13
CA LYS A 208 34.48 8.87 -18.49
C LYS A 208 33.41 9.95 -18.39
N ALA A 209 32.72 9.96 -17.25
CA ALA A 209 31.67 10.93 -17.00
C ALA A 209 32.23 12.04 -16.14
N VAL A 210 33.51 11.93 -15.81
CA VAL A 210 34.17 12.92 -14.96
C VAL A 210 35.64 13.16 -15.32
N SER A 211 36.22 12.29 -16.16
CA SER A 211 37.62 12.43 -16.58
C SER A 211 37.88 13.70 -17.40
N GLY A 212 38.71 14.58 -16.85
CA GLY A 212 39.01 15.84 -17.53
C GLY A 212 37.98 16.89 -17.15
N ILE A 213 37.08 16.56 -16.23
CA ILE A 213 36.03 17.48 -15.79
C ILE A 213 36.11 17.76 -14.28
N VAL A 214 35.25 17.10 -13.49
CA VAL A 214 35.24 17.29 -12.03
C VAL A 214 36.47 16.65 -11.37
N HIS A 215 37.57 17.41 -11.38
CA HIS A 215 38.87 17.01 -10.83
C HIS A 215 38.81 16.22 -9.52
N MET A 216 39.40 15.04 -9.51
CA MET A 216 39.42 14.16 -8.35
C MET A 216 40.04 12.78 -8.63
N GLN A 217 40.58 12.15 -7.60
CA GLN A 217 41.19 10.82 -7.73
C GLN A 217 40.23 9.73 -7.26
N ALA A 218 40.27 8.59 -7.93
CA ALA A 218 39.38 7.48 -7.60
C ALA A 218 40.05 6.35 -6.81
N ALA A 219 39.21 5.45 -6.30
CA ALA A 219 39.64 4.29 -5.53
C ALA A 219 39.40 3.07 -6.40
N PRO A 220 39.96 1.90 -6.01
CA PRO A 220 39.82 0.64 -6.76
C PRO A 220 38.36 0.16 -6.87
N LYS A 221 38.06 -0.66 -7.87
CA LYS A 221 36.70 -1.12 -8.06
C LYS A 221 36.38 -2.36 -7.24
N GLU A 222 37.17 -3.40 -7.41
CA GLU A 222 36.94 -4.64 -6.69
C GLU A 222 37.04 -4.48 -5.17
N GLU A 223 38.00 -3.69 -4.72
CA GLU A 223 38.16 -3.45 -3.28
C GLU A 223 36.90 -2.81 -2.71
N CYS A 224 36.18 -2.08 -3.56
CA CYS A 224 34.95 -1.40 -3.15
C CYS A 224 33.79 -2.38 -3.08
N ALA A 225 33.75 -3.32 -4.01
CA ALA A 225 32.66 -4.30 -4.06
C ALA A 225 32.63 -5.19 -2.83
N LEU A 226 33.76 -5.83 -2.53
CA LEU A 226 33.80 -6.73 -1.39
C LEU A 226 33.58 -5.99 -0.09
N GLU A 227 34.02 -4.73 -0.02
CA GLU A 227 33.86 -3.93 1.18
C GLU A 227 32.38 -3.74 1.45
N ILE A 228 31.64 -3.43 0.40
CA ILE A 228 30.20 -3.25 0.48
C ILE A 228 29.62 -4.55 0.97
N ILE A 229 30.30 -5.64 0.63
CA ILE A 229 29.84 -6.97 1.00
C ILE A 229 30.08 -7.27 2.48
N LYS A 230 31.33 -7.19 2.93
CA LYS A 230 31.59 -7.47 4.33
C LYS A 230 30.60 -6.65 5.15
N GLY A 231 30.35 -5.42 4.69
CA GLY A 231 29.43 -4.54 5.39
C GLY A 231 28.00 -5.05 5.41
N GLY A 232 27.47 -5.41 4.25
CA GLY A 232 26.11 -5.91 4.18
C GLY A 232 25.92 -7.20 4.96
N ALA A 233 26.90 -8.09 4.86
CA ALA A 233 26.86 -9.38 5.55
C ALA A 233 26.87 -9.23 7.08
N LEU A 234 27.84 -8.46 7.59
CA LEU A 234 28.00 -8.19 9.03
C LEU A 234 26.80 -7.46 9.62
N ARG A 235 25.78 -7.23 8.81
CA ARG A 235 24.60 -6.52 9.26
C ARG A 235 24.98 -5.15 9.79
N GLN A 236 26.00 -4.55 9.18
CA GLN A 236 26.44 -3.22 9.57
C GLN A 236 25.39 -2.21 9.14
N GLU A 237 25.27 -1.13 9.90
CA GLU A 237 24.29 -0.08 9.65
C GLU A 237 24.63 0.65 8.35
N GLU A 238 25.84 1.18 8.26
CA GLU A 238 26.28 1.88 7.06
C GLU A 238 27.73 1.56 6.80
N VAL A 239 28.15 1.67 5.54
CA VAL A 239 29.53 1.37 5.16
C VAL A 239 30.13 2.53 4.39
N TYR A 240 31.33 2.93 4.79
CA TYR A 240 32.01 4.04 4.14
C TYR A 240 33.25 3.56 3.38
N TYR A 241 33.36 3.93 2.11
CA TYR A 241 34.51 3.51 1.30
C TYR A 241 35.01 4.55 0.32
N ASP A 242 36.09 5.24 0.70
CA ASP A 242 36.68 6.26 -0.15
C ASP A 242 38.19 6.27 0.04
N SER A 243 38.93 6.55 -1.03
CA SER A 243 40.39 6.58 -0.99
C SER A 243 40.99 7.77 -0.24
N SER A 244 40.15 8.57 0.40
CA SER A 244 40.63 9.72 1.15
C SER A 244 40.42 9.53 2.64
N LEU A 245 41.52 9.53 3.39
CA LEU A 245 41.46 9.35 4.84
C LEU A 245 40.58 10.45 5.46
N TRP A 246 40.99 11.69 5.27
CA TRP A 246 40.28 12.85 5.82
C TRP A 246 38.81 12.91 5.45
N THR A 247 38.40 12.13 4.44
CA THR A 247 37.00 12.08 4.03
C THR A 247 36.25 11.09 4.90
N THR A 248 36.83 9.91 5.08
CA THR A 248 36.19 8.90 5.92
C THR A 248 36.08 9.55 7.29
N LEU A 249 37.01 10.44 7.58
CA LEU A 249 37.03 11.12 8.87
C LEU A 249 35.85 12.07 9.05
N LEU A 250 35.59 12.90 8.05
CA LEU A 250 34.51 13.88 8.12
C LEU A 250 33.11 13.38 7.77
N ILE A 251 33.02 12.51 6.77
CA ILE A 251 31.74 12.02 6.33
C ILE A 251 30.86 11.46 7.44
N ARG A 252 31.43 11.27 8.63
CA ARG A 252 30.65 10.75 9.77
C ARG A 252 30.07 11.92 10.59
N ASN A 253 28.75 11.92 10.71
CA ASN A 253 28.00 12.94 11.42
C ASN A 253 27.41 12.39 12.72
N PRO A 254 28.11 12.58 13.84
CA PRO A 254 27.66 12.08 15.15
C PRO A 254 26.56 12.93 15.76
N SER A 255 26.44 14.17 15.29
CA SER A 255 25.42 15.08 15.78
C SER A 255 24.08 14.43 15.51
N ARG A 256 23.96 13.89 14.30
CA ARG A 256 22.75 13.21 13.88
C ARG A 256 22.50 11.95 14.72
N LYS A 257 23.56 11.17 14.96
CA LYS A 257 23.46 9.93 15.74
C LYS A 257 22.89 10.23 17.11
N ILE A 258 23.39 11.30 17.72
CA ILE A 258 22.95 11.71 19.04
C ILE A 258 21.50 12.16 19.00
N LEU A 259 21.22 13.13 18.13
CA LEU A 259 19.87 13.67 17.99
C LEU A 259 18.89 12.53 17.80
N GLU A 260 19.27 11.56 16.96
CA GLU A 260 18.41 10.40 16.73
C GLU A 260 18.23 9.62 18.03
N PHE A 261 19.34 9.35 18.72
CA PHE A 261 19.28 8.62 19.97
C PHE A 261 18.37 9.34 20.95
N LEU A 262 18.69 10.61 21.21
CA LEU A 262 17.91 11.43 22.11
C LEU A 262 16.42 11.35 21.74
N TYR A 263 16.13 11.28 20.45
CA TYR A 263 14.75 11.21 20.00
C TYR A 263 14.19 9.79 19.96
N SER A 264 15.01 8.80 20.32
CA SER A 264 14.57 7.42 20.31
C SER A 264 13.72 7.17 21.54
N THR A 265 13.56 8.21 22.35
CA THR A 265 12.74 8.14 23.55
C THR A 265 11.68 9.24 23.52
N SER A 266 10.65 9.04 22.68
CA SER A 266 9.57 10.00 22.52
C SER A 266 8.44 9.43 21.66
N PHE B 10 17.32 42.49 9.24
CA PHE B 10 15.99 42.34 8.54
C PHE B 10 15.02 43.48 8.80
N ARG B 11 14.59 44.15 7.74
CA ARG B 11 13.62 45.23 7.88
C ARG B 11 12.42 44.88 7.00
N PRO B 12 11.20 45.00 7.54
CA PRO B 12 9.98 44.69 6.79
C PRO B 12 9.78 45.58 5.58
N GLU B 13 10.62 46.61 5.45
CA GLU B 13 10.53 47.54 4.34
C GLU B 13 11.22 46.92 3.12
N MET B 14 11.40 45.59 3.17
CA MET B 14 11.98 44.83 2.07
C MET B 14 10.83 44.12 1.37
N LEU B 15 9.97 43.49 2.15
CA LEU B 15 8.82 42.77 1.62
C LEU B 15 7.74 43.66 1.03
N GLN B 16 7.52 44.83 1.62
CA GLN B 16 6.51 45.73 1.09
C GLN B 16 6.65 45.83 -0.42
N GLY B 17 5.56 45.63 -1.14
CA GLY B 17 5.58 45.72 -2.59
C GLY B 17 6.33 44.61 -3.29
N LYS B 18 6.47 43.48 -2.62
CA LYS B 18 7.15 42.36 -3.22
C LYS B 18 6.14 41.33 -3.70
N LYS B 19 6.42 40.71 -4.84
CA LYS B 19 5.54 39.69 -5.42
C LYS B 19 5.94 38.33 -4.85
N VAL B 20 5.10 37.79 -3.96
CA VAL B 20 5.40 36.52 -3.36
C VAL B 20 4.33 35.44 -3.57
N ILE B 21 4.79 34.24 -3.93
CA ILE B 21 3.90 33.12 -4.14
C ILE B 21 4.00 32.32 -2.85
N VAL B 22 2.97 31.55 -2.52
CA VAL B 22 2.97 30.75 -1.31
C VAL B 22 2.18 29.46 -1.48
N THR B 23 2.82 28.40 -1.98
CA THR B 23 2.11 27.15 -2.15
C THR B 23 1.63 26.69 -0.78
N GLY B 24 0.69 25.75 -0.77
CA GLY B 24 0.14 25.25 0.49
C GLY B 24 -0.36 26.32 1.45
N ALA B 25 -0.96 27.38 0.93
CA ALA B 25 -1.44 28.49 1.77
C ALA B 25 -2.90 28.53 2.21
N SER B 26 -3.61 27.40 2.16
CA SER B 26 -5.00 27.40 2.59
C SER B 26 -5.13 27.30 4.11
N LYS B 27 -4.27 26.50 4.72
CA LYS B 27 -4.27 26.33 6.17
C LYS B 27 -2.84 26.08 6.63
N GLY B 28 -2.64 25.99 7.94
CA GLY B 28 -1.31 25.71 8.46
C GLY B 28 -0.29 26.83 8.32
N ILE B 29 1.00 26.47 8.32
CA ILE B 29 2.10 27.43 8.21
C ILE B 29 2.03 28.22 6.92
N GLY B 30 1.56 27.57 5.85
CA GLY B 30 1.46 28.24 4.57
C GLY B 30 0.56 29.44 4.64
N ARG B 31 -0.58 29.27 5.31
CA ARG B 31 -1.56 30.33 5.46
C ARG B 31 -1.00 31.52 6.24
N GLU B 32 -0.46 31.25 7.41
CA GLU B 32 0.09 32.30 8.26
C GLU B 32 1.12 33.14 7.51
N MET B 33 2.04 32.49 6.80
CA MET B 33 3.05 33.21 6.03
C MET B 33 2.36 34.22 5.11
N ALA B 34 1.23 33.81 4.57
CA ALA B 34 0.45 34.63 3.66
C ALA B 34 0.03 35.91 4.34
N TYR B 35 -0.51 35.78 5.56
CA TYR B 35 -0.96 36.94 6.30
C TYR B 35 0.18 37.93 6.56
N HIS B 36 1.31 37.42 7.04
CA HIS B 36 2.46 38.28 7.30
C HIS B 36 2.81 39.04 6.03
N LEU B 37 3.04 38.32 4.95
CA LEU B 37 3.37 38.94 3.68
C LEU B 37 2.34 40.03 3.33
N ALA B 38 1.15 39.90 3.90
CA ALA B 38 0.06 40.83 3.69
C ALA B 38 0.19 42.03 4.63
N LYS B 39 0.23 41.76 5.94
CA LYS B 39 0.36 42.82 6.93
C LYS B 39 1.60 43.65 6.60
N MET B 40 2.59 43.00 5.97
CA MET B 40 3.83 43.67 5.59
C MET B 40 3.69 44.38 4.24
N GLY B 41 2.45 44.48 3.80
CA GLY B 41 2.13 45.16 2.55
C GLY B 41 2.87 44.68 1.33
N ALA B 42 2.77 43.38 1.04
CA ALA B 42 3.43 42.82 -0.13
C ALA B 42 2.36 42.25 -1.06
N HIS B 43 2.80 41.78 -2.22
CA HIS B 43 1.89 41.19 -3.19
C HIS B 43 1.89 39.68 -3.04
N VAL B 44 0.71 39.10 -2.80
CA VAL B 44 0.61 37.67 -2.59
C VAL B 44 -0.31 36.94 -3.57
N VAL B 45 0.08 35.71 -3.92
CA VAL B 45 -0.68 34.82 -4.79
C VAL B 45 -0.56 33.48 -4.10
N VAL B 46 -1.56 33.11 -3.32
CA VAL B 46 -1.52 31.84 -2.61
C VAL B 46 -2.20 30.71 -3.40
N THR B 47 -1.78 29.47 -3.18
CA THR B 47 -2.39 28.36 -3.87
C THR B 47 -2.65 27.17 -2.94
N ALA B 48 -3.20 26.11 -3.51
CA ALA B 48 -3.53 24.87 -2.82
C ALA B 48 -4.61 24.22 -3.67
N ARG B 49 -5.45 23.39 -3.04
CA ARG B 49 -6.52 22.73 -3.76
C ARG B 49 -7.90 23.30 -3.39
N SER B 50 -8.19 23.43 -2.11
CA SER B 50 -9.51 23.93 -1.67
C SER B 50 -9.87 25.36 -2.01
N LYS B 51 -10.55 25.55 -3.14
CA LYS B 51 -10.99 26.86 -3.61
C LYS B 51 -11.62 27.69 -2.50
N GLU B 52 -12.63 27.10 -1.85
CA GLU B 52 -13.35 27.76 -0.77
C GLU B 52 -12.40 28.36 0.25
N THR B 53 -11.41 27.59 0.67
CA THR B 53 -10.43 28.05 1.65
C THR B 53 -9.52 29.14 1.08
N LEU B 54 -9.08 28.97 -0.16
CA LEU B 54 -8.23 29.96 -0.78
C LEU B 54 -8.95 31.29 -0.90
N GLN B 55 -10.28 31.25 -0.98
CA GLN B 55 -11.06 32.49 -1.07
C GLN B 55 -10.90 33.24 0.25
N LYS B 56 -11.23 32.56 1.34
CA LYS B 56 -11.17 33.14 2.69
C LYS B 56 -9.83 33.75 3.10
N VAL B 57 -8.72 33.16 2.69
CA VAL B 57 -7.43 33.76 3.08
C VAL B 57 -7.13 34.97 2.21
N VAL B 58 -7.45 34.89 0.92
CA VAL B 58 -7.17 35.99 0.01
C VAL B 58 -7.79 37.28 0.48
N SER B 59 -9.08 37.25 0.81
CA SER B 59 -9.72 38.47 1.27
C SER B 59 -9.07 38.88 2.57
N HIS B 60 -8.98 37.95 3.52
CA HIS B 60 -8.36 38.23 4.80
C HIS B 60 -7.01 38.93 4.52
N CYS B 61 -6.33 38.48 3.47
CA CYS B 61 -5.07 39.08 3.08
C CYS B 61 -5.34 40.42 2.45
N LEU B 62 -6.41 40.47 1.66
CA LEU B 62 -6.81 41.68 0.98
C LEU B 62 -7.50 42.60 1.96
N GLU B 63 -6.95 42.68 3.18
CA GLU B 63 -7.49 43.53 4.23
C GLU B 63 -6.49 43.63 5.38
N LEU B 64 -5.47 42.78 5.34
CA LEU B 64 -4.43 42.79 6.36
C LEU B 64 -3.39 43.81 5.93
N GLY B 65 -3.43 44.20 4.66
CA GLY B 65 -2.48 45.18 4.16
C GLY B 65 -1.79 44.79 2.86
N ALA B 66 -2.06 43.57 2.41
CA ALA B 66 -1.46 43.08 1.18
C ALA B 66 -1.72 44.05 0.03
N ALA B 67 -0.70 44.29 -0.80
CA ALA B 67 -0.82 45.21 -1.94
C ALA B 67 -1.48 44.54 -3.12
N SER B 68 -1.86 43.28 -2.95
CA SER B 68 -2.49 42.48 -3.99
C SER B 68 -2.56 41.04 -3.46
N ALA B 69 -3.69 40.38 -3.66
CA ALA B 69 -3.83 39.02 -3.18
C ALA B 69 -4.78 38.24 -4.06
N HIS B 70 -4.28 37.13 -4.59
CA HIS B 70 -5.07 36.24 -5.46
C HIS B 70 -4.82 34.80 -5.11
N TYR B 71 -5.69 33.92 -5.59
CA TYR B 71 -5.51 32.51 -5.34
C TYR B 71 -5.70 31.77 -6.65
N ILE B 72 -5.21 30.53 -6.67
CA ILE B 72 -5.32 29.66 -7.83
C ILE B 72 -5.27 28.24 -7.30
N ALA B 73 -6.44 27.61 -7.25
CA ALA B 73 -6.56 26.23 -6.77
C ALA B 73 -5.99 25.29 -7.82
N GLY B 74 -5.69 24.07 -7.39
CA GLY B 74 -5.13 23.09 -8.29
C GLY B 74 -4.21 22.14 -7.55
N THR B 75 -4.15 20.91 -8.03
CA THR B 75 -3.33 19.90 -7.40
C THR B 75 -1.90 19.91 -7.92
N MET B 76 -0.96 19.89 -6.99
CA MET B 76 0.45 19.89 -7.34
C MET B 76 0.88 18.50 -7.78
N GLU B 77 -0.09 17.59 -7.87
CA GLU B 77 0.19 16.24 -8.32
C GLU B 77 0.21 16.34 -9.84
N ASP B 78 -0.44 17.39 -10.33
CA ASP B 78 -0.50 17.67 -11.76
C ASP B 78 0.69 18.58 -12.09
N MET B 79 1.55 18.11 -12.96
CA MET B 79 2.72 18.89 -13.28
C MET B 79 2.55 20.08 -14.22
N THR B 80 1.62 20.01 -15.15
CA THR B 80 1.45 21.14 -16.05
C THR B 80 0.74 22.22 -15.29
N PHE B 81 0.07 21.85 -14.22
CA PHE B 81 -0.65 22.84 -13.42
C PHE B 81 0.37 23.72 -12.72
N ALA B 82 1.29 23.07 -12.02
CA ALA B 82 2.33 23.78 -11.31
C ALA B 82 3.03 24.67 -12.32
N GLU B 83 3.29 24.10 -13.49
CA GLU B 83 3.95 24.81 -14.59
C GLU B 83 3.17 26.04 -15.03
N GLN B 84 1.85 25.88 -15.18
CA GLN B 84 0.99 26.99 -15.58
C GLN B 84 0.69 27.93 -14.42
N PHE B 85 1.02 27.50 -13.21
CA PHE B 85 0.76 28.30 -12.02
C PHE B 85 1.63 29.54 -11.85
N VAL B 86 2.93 29.46 -12.13
CA VAL B 86 3.80 30.62 -11.98
C VAL B 86 3.52 31.66 -13.05
N ALA B 87 3.26 31.21 -14.27
CA ALA B 87 2.95 32.10 -15.36
C ALA B 87 1.80 33.03 -14.97
N GLN B 88 0.67 32.47 -14.59
CA GLN B 88 -0.48 33.30 -14.21
C GLN B 88 -0.22 34.10 -12.92
N ALA B 89 0.32 33.43 -11.90
CA ALA B 89 0.63 34.06 -10.62
C ALA B 89 1.53 35.26 -10.87
N GLY B 90 2.40 35.12 -11.87
CA GLY B 90 3.31 36.18 -12.23
C GLY B 90 2.62 37.33 -12.92
N LYS B 91 1.85 37.01 -13.97
CA LYS B 91 1.12 38.03 -14.71
C LYS B 91 0.16 38.75 -13.78
N LEU B 92 -0.41 38.02 -12.83
CA LEU B 92 -1.32 38.62 -11.86
C LEU B 92 -0.64 39.80 -11.15
N MET B 93 0.64 39.62 -10.78
CA MET B 93 1.38 40.70 -10.12
C MET B 93 2.55 41.28 -10.93
N GLY B 94 2.50 41.11 -12.24
CA GLY B 94 3.54 41.63 -13.11
C GLY B 94 4.98 41.36 -12.73
N GLY B 95 5.26 40.12 -12.32
CA GLY B 95 6.61 39.71 -11.93
C GLY B 95 6.63 38.93 -10.63
N LEU B 96 7.75 38.26 -10.35
CA LEU B 96 7.87 37.48 -9.12
C LEU B 96 9.11 37.84 -8.32
N ASP B 97 8.97 37.87 -7.00
CA ASP B 97 10.08 38.16 -6.11
C ASP B 97 10.46 36.89 -5.32
N MET B 98 9.57 36.42 -4.46
CA MET B 98 9.83 35.21 -3.67
C MET B 98 8.93 34.03 -4.04
N LEU B 99 9.54 32.85 -4.12
CA LEU B 99 8.82 31.61 -4.40
C LEU B 99 8.94 30.78 -3.13
N ILE B 100 7.82 30.53 -2.46
CA ILE B 100 7.86 29.76 -1.23
C ILE B 100 7.17 28.41 -1.30
N LEU B 101 7.95 27.36 -1.59
CA LEU B 101 7.41 26.01 -1.66
C LEU B 101 7.22 25.54 -0.20
N ASN B 102 5.99 25.22 0.16
CA ASN B 102 5.66 24.86 1.53
C ASN B 102 4.58 23.74 1.61
N HIS B 103 3.97 23.41 0.48
CA HIS B 103 2.92 22.42 0.45
C HIS B 103 3.38 20.96 0.47
N ILE B 104 2.69 20.13 1.25
CA ILE B 104 3.00 18.70 1.30
C ILE B 104 1.73 17.89 1.07
N THR B 105 1.88 16.69 0.52
CA THR B 105 0.73 15.82 0.29
C THR B 105 0.32 15.31 1.66
N ASN B 106 -0.98 15.26 1.88
CA ASN B 106 -1.54 14.81 3.15
C ASN B 106 -0.97 13.45 3.54
N THR B 107 -0.48 13.32 4.78
CA THR B 107 0.07 12.06 5.26
C THR B 107 -0.41 11.78 6.68
N SER B 108 0.40 11.01 7.41
CA SER B 108 0.11 10.63 8.80
C SER B 108 1.19 9.68 9.30
N LEU B 109 1.08 9.30 10.57
CA LEU B 109 2.05 8.41 11.19
C LEU B 109 1.65 6.98 10.94
N ASN B 110 2.59 6.18 10.48
CA ASN B 110 2.37 4.77 10.20
C ASN B 110 3.66 4.10 9.78
N LEU B 111 3.83 2.83 10.14
CA LEU B 111 5.01 2.12 9.71
C LEU B 111 4.77 1.96 8.21
N PHE B 112 5.81 1.61 7.46
CA PHE B 112 5.69 1.43 6.01
C PHE B 112 5.39 -0.04 5.66
N HIS B 113 4.63 -0.27 4.60
CA HIS B 113 4.33 -1.66 4.24
C HIS B 113 4.33 -2.02 2.76
N ASP B 114 3.39 -1.46 2.01
CA ASP B 114 3.30 -1.76 0.59
C ASP B 114 2.62 -0.61 -0.16
N ASP B 115 2.38 0.49 0.55
CA ASP B 115 1.74 1.65 -0.05
C ASP B 115 2.74 2.52 -0.80
N ILE B 116 3.28 1.98 -1.89
CA ILE B 116 4.24 2.72 -2.67
C ILE B 116 3.49 3.84 -3.36
N HIS B 117 2.17 3.78 -3.34
CA HIS B 117 1.38 4.84 -3.97
C HIS B 117 1.63 6.14 -3.22
N HIS B 118 1.75 6.03 -1.91
CA HIS B 118 2.00 7.19 -1.07
C HIS B 118 3.48 7.51 -1.15
N VAL B 119 4.30 6.50 -1.36
CA VAL B 119 5.73 6.72 -1.49
C VAL B 119 5.96 7.47 -2.79
N ARG B 120 5.31 6.99 -3.84
CA ARG B 120 5.43 7.61 -5.16
C ARG B 120 4.82 9.00 -5.21
N LYS B 121 3.80 9.24 -4.40
CA LYS B 121 3.13 10.53 -4.38
C LYS B 121 3.84 11.55 -3.50
N SER B 122 4.52 11.08 -2.48
CA SER B 122 5.26 11.98 -1.58
C SER B 122 6.37 12.65 -2.36
N MET B 123 7.03 11.86 -3.21
CA MET B 123 8.13 12.35 -4.03
C MET B 123 7.62 13.11 -5.25
N GLU B 124 6.30 13.19 -5.40
CA GLU B 124 5.71 13.88 -6.53
C GLU B 124 5.21 15.23 -6.04
N VAL B 125 4.37 15.19 -5.02
CA VAL B 125 3.82 16.39 -4.42
C VAL B 125 4.89 17.12 -3.64
N ASN B 126 5.47 16.45 -2.65
CA ASN B 126 6.50 17.04 -1.80
C ASN B 126 7.80 17.46 -2.50
N PHE B 127 8.28 16.65 -3.45
CA PHE B 127 9.53 16.93 -4.14
C PHE B 127 9.45 17.40 -5.59
N LEU B 128 9.10 16.48 -6.48
CA LEU B 128 9.01 16.78 -7.90
C LEU B 128 8.29 18.06 -8.28
N SER B 129 7.20 18.40 -7.60
CA SER B 129 6.49 19.63 -7.93
C SER B 129 7.38 20.85 -7.60
N TYR B 130 8.18 20.74 -6.54
CA TYR B 130 9.06 21.85 -6.17
C TYR B 130 10.03 22.20 -7.29
N VAL B 131 10.55 21.19 -7.98
CA VAL B 131 11.46 21.46 -9.08
C VAL B 131 10.65 22.12 -10.21
N VAL B 132 9.48 21.55 -10.50
CA VAL B 132 8.64 22.12 -11.53
C VAL B 132 8.42 23.60 -11.23
N LEU B 133 7.89 23.90 -10.04
CA LEU B 133 7.63 25.28 -9.63
C LEU B 133 8.86 26.18 -9.82
N THR B 134 10.03 25.66 -9.50
CA THR B 134 11.26 26.42 -9.61
C THR B 134 11.67 26.70 -11.06
N VAL B 135 11.90 25.66 -11.84
CA VAL B 135 12.30 25.80 -13.24
C VAL B 135 11.46 26.83 -14.01
N ALA B 136 10.20 26.98 -13.63
CA ALA B 136 9.30 27.91 -14.31
C ALA B 136 9.25 29.29 -13.67
N ALA B 137 9.70 29.39 -12.43
CA ALA B 137 9.69 30.68 -11.73
C ALA B 137 11.03 31.38 -11.80
N LEU B 138 12.07 30.65 -12.17
CA LEU B 138 13.42 31.24 -12.20
C LEU B 138 13.58 32.47 -13.05
N PRO B 139 13.23 32.39 -14.34
CA PRO B 139 13.37 33.55 -15.22
C PRO B 139 13.05 34.85 -14.48
N MET B 140 11.83 34.91 -13.92
CA MET B 140 11.38 36.08 -13.19
C MET B 140 12.19 36.32 -11.93
N LEU B 141 12.78 35.25 -11.40
CA LEU B 141 13.57 35.35 -10.19
C LEU B 141 14.95 35.93 -10.54
N LYS B 142 15.47 35.54 -11.70
CA LYS B 142 16.76 36.06 -12.14
C LYS B 142 16.52 37.51 -12.55
N GLN B 143 15.24 37.79 -12.82
CA GLN B 143 14.75 39.10 -13.25
C GLN B 143 14.70 40.12 -12.10
N SER B 144 14.99 39.68 -10.88
CA SER B 144 14.94 40.59 -9.74
C SER B 144 15.82 40.12 -8.58
N ASN B 145 16.83 39.32 -8.89
CA ASN B 145 17.71 38.79 -7.85
C ASN B 145 16.81 38.34 -6.71
N GLY B 146 15.78 37.60 -7.08
CA GLY B 146 14.84 37.10 -6.11
C GLY B 146 15.33 35.90 -5.35
N SER B 147 14.41 35.29 -4.60
CA SER B 147 14.75 34.12 -3.81
C SER B 147 13.77 32.95 -3.94
N ILE B 148 14.16 31.83 -3.36
CA ILE B 148 13.37 30.62 -3.35
C ILE B 148 13.41 30.16 -1.92
N VAL B 149 12.32 29.60 -1.42
CA VAL B 149 12.29 29.13 -0.06
C VAL B 149 11.65 27.76 0.02
N VAL B 150 12.47 26.75 0.25
CA VAL B 150 12.01 25.37 0.38
C VAL B 150 11.80 25.07 1.87
N VAL B 151 10.61 24.63 2.22
CA VAL B 151 10.32 24.30 3.61
C VAL B 151 10.49 22.81 3.84
N SER B 152 11.40 22.45 4.73
CA SER B 152 11.63 21.06 5.04
C SER B 152 11.29 20.83 6.50
N SER B 153 12.02 19.91 7.15
CA SER B 153 11.77 19.62 8.53
C SER B 153 12.81 18.68 9.10
N LEU B 154 12.74 18.48 10.41
CA LEU B 154 13.66 17.59 11.11
C LEU B 154 13.79 16.29 10.35
N ALA B 155 12.66 15.62 10.14
CA ALA B 155 12.65 14.37 9.44
C ALA B 155 13.41 14.47 8.14
N GLY B 156 13.66 15.71 7.70
CA GLY B 156 14.39 15.92 6.46
C GLY B 156 15.89 16.00 6.65
N LYS B 157 16.34 15.93 7.90
CA LYS B 157 17.76 16.00 8.24
C LYS B 157 18.16 14.74 9.01
N VAL B 158 17.19 14.19 9.72
CA VAL B 158 17.41 13.01 10.54
C VAL B 158 16.34 12.00 10.18
N ALA B 159 16.63 10.72 10.42
CA ALA B 159 15.71 9.63 10.12
C ALA B 159 14.82 9.41 11.31
N TYR B 160 13.51 9.34 11.06
CA TYR B 160 12.52 9.14 12.10
C TYR B 160 11.52 8.09 11.62
N PRO B 161 11.07 7.19 12.52
CA PRO B 161 10.11 6.16 12.12
C PRO B 161 8.72 6.73 11.82
N MET B 162 7.85 5.91 11.25
CA MET B 162 6.48 6.35 10.93
C MET B 162 6.37 7.43 9.83
N VAL B 163 7.49 7.97 9.37
CA VAL B 163 7.43 8.97 8.30
C VAL B 163 8.40 8.73 7.14
N ALA B 164 8.85 7.49 6.99
CA ALA B 164 9.78 7.09 5.94
C ALA B 164 9.55 7.88 4.64
N ALA B 165 8.33 7.79 4.12
CA ALA B 165 7.96 8.49 2.89
C ALA B 165 8.26 9.99 3.02
N TYR B 166 7.62 10.60 4.01
CA TYR B 166 7.80 12.02 4.28
C TYR B 166 9.28 12.37 4.24
N SER B 167 10.06 11.69 5.07
CA SER B 167 11.50 11.93 5.15
C SER B 167 12.26 11.80 3.82
N ALA B 168 11.92 10.80 3.03
CA ALA B 168 12.58 10.55 1.76
C ALA B 168 12.48 11.76 0.86
N SER B 169 11.28 12.29 0.76
CA SER B 169 11.01 13.46 -0.06
C SER B 169 11.78 14.64 0.47
N LYS B 170 11.74 14.82 1.78
CA LYS B 170 12.45 15.94 2.42
C LYS B 170 13.96 15.92 2.22
N PHE B 171 14.55 14.72 2.25
CA PHE B 171 15.99 14.54 2.02
C PHE B 171 16.26 14.84 0.57
N ALA B 172 15.29 14.57 -0.29
CA ALA B 172 15.48 14.83 -1.70
C ALA B 172 15.61 16.34 -1.90
N LEU B 173 14.71 17.10 -1.31
CA LEU B 173 14.75 18.54 -1.44
C LEU B 173 16.14 19.02 -1.10
N ASP B 174 16.66 18.54 0.03
CA ASP B 174 17.99 18.92 0.49
C ASP B 174 19.05 18.63 -0.57
N GLY B 175 19.21 17.36 -0.90
CA GLY B 175 20.21 16.99 -1.88
C GLY B 175 20.09 17.79 -3.15
N PHE B 176 18.86 18.06 -3.56
CA PHE B 176 18.65 18.79 -4.79
C PHE B 176 19.04 20.24 -4.70
N PHE B 177 18.23 21.04 -4.02
CA PHE B 177 18.50 22.47 -3.88
C PHE B 177 19.85 22.85 -3.26
N SER B 178 20.31 22.10 -2.27
CA SER B 178 21.59 22.40 -1.66
C SER B 178 22.64 22.19 -2.73
N SER B 179 22.33 21.31 -3.66
CA SER B 179 23.21 21.02 -4.76
C SER B 179 23.04 22.08 -5.84
N ILE B 180 21.82 22.56 -6.02
CA ILE B 180 21.57 23.58 -7.04
C ILE B 180 22.14 24.92 -6.68
N ARG B 181 21.99 25.27 -5.41
CA ARG B 181 22.49 26.52 -4.86
C ARG B 181 23.98 26.64 -5.22
N LYS B 182 24.73 25.55 -5.02
CA LYS B 182 26.16 25.56 -5.32
C LYS B 182 26.37 25.84 -6.80
N GLU B 183 25.61 25.17 -7.65
CA GLU B 183 25.74 25.37 -9.08
C GLU B 183 25.49 26.84 -9.35
N TYR B 184 24.57 27.43 -8.60
CA TYR B 184 24.19 28.82 -8.78
C TYR B 184 25.28 29.85 -8.51
N SER B 185 25.86 29.78 -7.32
CA SER B 185 26.92 30.71 -6.95
C SER B 185 28.07 30.70 -7.95
N VAL B 186 28.11 29.66 -8.78
CA VAL B 186 29.14 29.54 -9.78
C VAL B 186 28.65 30.06 -11.14
N SER B 187 27.37 29.87 -11.40
CA SER B 187 26.72 30.26 -12.64
C SER B 187 26.30 31.72 -12.69
N ARG B 188 26.78 32.50 -11.74
CA ARG B 188 26.45 33.92 -11.70
C ARG B 188 24.93 34.07 -11.66
N VAL B 189 24.28 33.17 -10.92
CA VAL B 189 22.82 33.15 -10.76
C VAL B 189 22.46 33.71 -9.39
N ASN B 190 22.31 35.02 -9.32
CA ASN B 190 22.02 35.71 -8.07
C ASN B 190 20.61 35.49 -7.48
N VAL B 191 20.22 34.22 -7.37
CA VAL B 191 18.91 33.87 -6.80
C VAL B 191 19.20 33.03 -5.57
N SER B 192 18.67 33.41 -4.41
CA SER B 192 18.96 32.63 -3.22
C SER B 192 18.05 31.43 -2.98
N ILE B 193 18.53 30.48 -2.18
CA ILE B 193 17.80 29.27 -1.85
C ILE B 193 17.87 28.95 -0.35
N THR B 194 16.79 29.20 0.37
CA THR B 194 16.75 28.95 1.81
C THR B 194 15.94 27.71 2.24
N LEU B 195 16.64 26.68 2.71
CA LEU B 195 16.00 25.46 3.17
C LEU B 195 15.62 25.62 4.64
N CYS B 196 14.33 25.49 4.93
CA CYS B 196 13.87 25.64 6.31
C CYS B 196 13.73 24.30 6.99
N VAL B 197 14.41 24.14 8.12
CA VAL B 197 14.35 22.90 8.87
C VAL B 197 13.53 23.19 10.13
N LEU B 198 12.26 22.82 10.08
CA LEU B 198 11.33 23.05 11.19
C LEU B 198 11.08 21.84 12.09
N GLY B 199 10.92 22.11 13.38
CA GLY B 199 10.64 21.04 14.34
C GLY B 199 9.14 20.87 14.36
N LEU B 200 8.55 20.53 15.50
CA LEU B 200 7.08 20.37 15.58
C LEU B 200 6.37 21.73 15.66
N ILE B 201 5.43 21.96 14.74
CA ILE B 201 4.70 23.22 14.73
C ILE B 201 3.23 23.05 15.11
N ASP B 202 2.69 24.12 15.70
CA ASP B 202 1.31 24.22 16.17
C ASP B 202 0.21 23.61 15.30
N THR B 203 0.07 24.09 14.07
CA THR B 203 -0.95 23.65 13.11
C THR B 203 -1.66 22.35 13.44
N GLU B 204 -2.99 22.36 13.32
CA GLU B 204 -3.79 21.18 13.61
C GLU B 204 -3.49 20.03 12.64
N THR B 205 -3.20 20.39 11.39
CA THR B 205 -2.92 19.42 10.34
C THR B 205 -1.55 18.77 10.57
N ALA B 206 -1.28 18.41 11.81
CA ALA B 206 -0.01 17.80 12.20
C ALA B 206 -0.14 17.48 13.66
N MET B 207 -0.64 18.46 14.40
CA MET B 207 -0.86 18.32 15.82
C MET B 207 -1.90 17.20 16.01
N LYS B 208 -2.93 17.22 15.16
CA LYS B 208 -4.00 16.24 15.20
C LYS B 208 -3.53 14.86 14.72
N ALA B 209 -2.34 14.83 14.13
CA ALA B 209 -1.76 13.59 13.62
C ALA B 209 -0.76 13.01 14.60
N VAL B 210 -0.23 13.84 15.49
CA VAL B 210 0.73 13.38 16.48
C VAL B 210 0.03 13.32 17.83
N SER B 211 -1.28 13.17 17.81
CA SER B 211 -2.06 13.08 19.02
C SER B 211 -1.64 11.84 19.80
N GLY B 212 -0.99 12.06 20.94
CA GLY B 212 -0.55 10.97 21.80
C GLY B 212 0.44 9.97 21.22
N ILE B 213 1.07 10.32 20.09
CA ILE B 213 2.02 9.40 19.48
C ILE B 213 3.43 9.96 19.59
N VAL B 214 3.55 11.28 19.57
CA VAL B 214 4.86 11.92 19.68
C VAL B 214 4.85 12.95 20.81
N HIS B 215 5.98 13.08 21.49
CA HIS B 215 6.08 14.01 22.60
C HIS B 215 7.08 15.13 22.36
N MET B 216 6.54 16.34 22.27
CA MET B 216 7.32 17.55 22.06
C MET B 216 6.37 18.71 22.09
N GLN B 217 6.68 19.71 22.91
CA GLN B 217 5.82 20.89 22.98
C GLN B 217 5.92 21.60 21.62
N ALA B 218 4.79 21.77 20.95
CA ALA B 218 4.79 22.40 19.64
C ALA B 218 5.08 23.89 19.69
N ALA B 219 5.73 24.37 18.64
CA ALA B 219 6.05 25.79 18.52
C ALA B 219 4.82 26.43 17.89
N PRO B 220 4.74 27.75 17.88
CA PRO B 220 3.58 28.43 17.29
C PRO B 220 3.71 28.67 15.78
N LYS B 221 2.61 28.51 15.07
CA LYS B 221 2.63 28.74 13.63
C LYS B 221 3.17 30.15 13.44
N GLU B 222 2.43 31.11 13.99
CA GLU B 222 2.74 32.53 13.94
C GLU B 222 4.23 32.86 13.85
N GLU B 223 4.98 32.48 14.88
CA GLU B 223 6.41 32.76 14.92
C GLU B 223 7.16 32.01 13.81
N CYS B 224 6.92 30.70 13.72
CA CYS B 224 7.56 29.85 12.73
C CYS B 224 7.38 30.47 11.35
N ALA B 225 6.12 30.80 11.03
CA ALA B 225 5.77 31.40 9.76
C ALA B 225 6.66 32.60 9.49
N LEU B 226 6.70 33.53 10.44
CA LEU B 226 7.50 34.73 10.30
C LEU B 226 8.98 34.44 10.08
N GLU B 227 9.57 33.67 11.00
CA GLU B 227 10.99 33.30 10.92
C GLU B 227 11.41 32.86 9.52
N ILE B 228 10.62 31.96 8.93
CA ILE B 228 10.92 31.48 7.60
C ILE B 228 11.05 32.67 6.64
N ILE B 229 10.04 33.53 6.62
CA ILE B 229 10.03 34.69 5.74
C ILE B 229 11.28 35.52 5.92
N LYS B 230 11.64 35.77 7.18
CA LYS B 230 12.83 36.53 7.52
C LYS B 230 14.05 35.88 6.88
N GLY B 231 14.22 34.59 7.12
CA GLY B 231 15.35 33.87 6.56
C GLY B 231 15.48 34.00 5.05
N GLY B 232 14.35 33.94 4.36
CA GLY B 232 14.37 34.07 2.92
C GLY B 232 14.71 35.48 2.50
N ALA B 233 14.18 36.44 3.25
CA ALA B 233 14.44 37.86 2.97
C ALA B 233 15.92 38.16 3.22
N LEU B 234 16.49 37.50 4.21
CA LEU B 234 17.90 37.67 4.57
C LEU B 234 18.79 36.77 3.75
N ARG B 235 18.21 36.14 2.74
CA ARG B 235 18.93 35.24 1.84
C ARG B 235 19.77 34.18 2.55
N GLN B 236 19.33 33.80 3.77
CA GLN B 236 20.01 32.79 4.61
C GLN B 236 19.91 31.39 4.01
N GLU B 237 21.05 30.72 3.83
CA GLU B 237 21.00 29.37 3.28
C GLU B 237 19.99 28.48 3.98
N GLU B 238 19.89 28.60 5.29
CA GLU B 238 18.94 27.78 6.04
C GLU B 238 18.41 28.42 7.32
N VAL B 239 17.15 28.10 7.61
CA VAL B 239 16.43 28.60 8.78
C VAL B 239 16.15 27.43 9.71
N TYR B 240 16.68 27.49 10.93
CA TYR B 240 16.49 26.43 11.90
C TYR B 240 15.54 26.87 13.02
N TYR B 241 14.27 26.47 12.95
CA TYR B 241 13.29 26.83 13.97
C TYR B 241 12.67 25.60 14.65
N ASP B 242 12.67 25.62 15.98
CA ASP B 242 12.14 24.51 16.78
C ASP B 242 12.20 24.90 18.26
N SER B 243 11.14 24.62 18.99
CA SER B 243 11.09 24.95 20.41
C SER B 243 12.31 24.42 21.17
N SER B 244 12.52 23.10 21.11
CA SER B 244 13.64 22.46 21.81
C SER B 244 15.00 23.07 21.55
N LEU B 245 15.76 23.20 22.63
CA LEU B 245 17.10 23.77 22.59
C LEU B 245 18.13 22.78 22.05
N TRP B 246 18.03 21.52 22.48
CA TRP B 246 18.95 20.49 22.03
C TRP B 246 19.05 20.46 20.51
N THR B 247 17.90 20.42 19.85
CA THR B 247 17.85 20.38 18.39
C THR B 247 18.65 21.47 17.70
N THR B 248 18.23 22.72 17.88
CA THR B 248 18.92 23.84 17.26
C THR B 248 20.43 23.68 17.27
N LEU B 249 20.96 22.98 18.27
CA LEU B 249 22.40 22.79 18.31
C LEU B 249 22.82 21.56 17.51
N LEU B 250 22.26 20.41 17.88
CA LEU B 250 22.57 19.16 17.23
C LEU B 250 22.18 19.10 15.75
N ILE B 251 21.01 19.65 15.44
CA ILE B 251 20.50 19.63 14.08
C ILE B 251 21.46 20.20 13.04
N ARG B 252 22.31 21.14 13.47
CA ARG B 252 23.26 21.74 12.55
C ARG B 252 24.32 20.70 12.23
N ASN B 253 24.90 20.78 11.03
CA ASN B 253 25.92 19.82 10.65
C ASN B 253 27.20 20.53 10.26
N PRO B 254 28.17 20.51 11.18
CA PRO B 254 29.50 21.10 11.08
C PRO B 254 30.39 20.33 10.11
N SER B 255 30.41 19.02 10.25
CA SER B 255 31.22 18.17 9.39
C SER B 255 30.83 18.34 7.93
N ARG B 256 29.54 18.43 7.65
CA ARG B 256 29.10 18.61 6.25
C ARG B 256 29.59 19.96 5.75
N LYS B 257 29.45 20.98 6.58
CA LYS B 257 29.90 22.33 6.24
C LYS B 257 31.37 22.28 5.84
N ILE B 258 32.15 21.67 6.71
CA ILE B 258 33.60 21.51 6.52
C ILE B 258 33.93 20.61 5.33
N LEU B 259 33.31 19.43 5.29
CA LEU B 259 33.53 18.52 4.20
C LEU B 259 33.24 19.21 2.86
N GLU B 260 32.27 20.12 2.85
CA GLU B 260 31.90 20.86 1.63
C GLU B 260 32.82 22.03 1.31
N PHE B 261 33.10 22.86 2.30
CA PHE B 261 33.99 24.00 2.09
C PHE B 261 35.28 23.48 1.47
N LEU B 262 35.56 22.20 1.69
CA LEU B 262 36.79 21.60 1.17
C LEU B 262 36.85 21.40 -0.35
N TYR B 263 35.71 21.45 -1.02
CA TYR B 263 35.73 21.30 -2.46
C TYR B 263 35.79 22.67 -3.10
N SER B 264 35.16 23.64 -2.46
CA SER B 264 35.18 25.01 -2.97
C SER B 264 36.38 25.78 -2.40
N GLU C 9 -20.52 -43.23 4.12
CA GLU C 9 -19.81 -44.21 5.00
C GLU C 9 -18.30 -43.94 5.02
N PHE C 10 -17.78 -43.59 6.19
CA PHE C 10 -16.36 -43.28 6.34
C PHE C 10 -15.54 -44.41 6.95
N ARG C 11 -14.36 -44.64 6.39
CA ARG C 11 -13.47 -45.68 6.85
C ARG C 11 -12.04 -45.17 6.85
N PRO C 12 -11.27 -45.49 7.89
CA PRO C 12 -9.87 -45.07 8.03
C PRO C 12 -8.95 -45.49 6.88
N GLU C 13 -9.21 -46.66 6.30
CA GLU C 13 -8.39 -47.18 5.20
C GLU C 13 -8.53 -46.34 3.94
N MET C 14 -9.35 -45.29 4.04
CA MET C 14 -9.58 -44.37 2.92
C MET C 14 -8.42 -43.38 2.82
N LEU C 15 -7.74 -43.16 3.94
CA LEU C 15 -6.61 -42.23 3.97
C LEU C 15 -5.28 -42.94 4.13
N GLN C 16 -5.30 -44.25 3.92
CA GLN C 16 -4.08 -45.04 4.06
C GLN C 16 -3.07 -44.75 2.96
N GLY C 17 -1.96 -44.13 3.34
CA GLY C 17 -0.91 -43.83 2.39
C GLY C 17 -1.27 -42.71 1.43
N LYS C 18 -2.02 -41.75 1.96
CA LYS C 18 -2.46 -40.61 1.19
C LYS C 18 -1.55 -39.40 1.44
N LYS C 19 -1.16 -38.74 0.35
CA LYS C 19 -0.29 -37.57 0.42
C LYS C 19 -1.11 -36.37 0.81
N VAL C 20 -1.01 -35.94 2.07
CA VAL C 20 -1.80 -34.80 2.51
C VAL C 20 -1.03 -33.70 3.21
N ILE C 21 -1.42 -32.47 2.92
CA ILE C 21 -0.80 -31.29 3.52
C ILE C 21 -1.79 -30.73 4.54
N VAL C 22 -1.27 -30.18 5.63
CA VAL C 22 -2.15 -29.60 6.63
C VAL C 22 -1.50 -28.34 7.13
N THR C 23 -2.14 -27.20 6.86
CA THR C 23 -1.62 -25.90 7.24
C THR C 23 -2.12 -25.41 8.58
N GLY C 24 -1.23 -24.75 9.33
CA GLY C 24 -1.61 -24.26 10.64
C GLY C 24 -1.81 -25.49 11.50
N ALA C 25 -0.88 -26.43 11.37
CA ALA C 25 -0.92 -27.70 12.10
C ALA C 25 -0.11 -27.72 13.37
N SER C 26 0.49 -26.59 13.73
CA SER C 26 1.27 -26.52 14.96
C SER C 26 0.33 -26.62 16.15
N LYS C 27 -0.91 -26.22 15.96
CA LYS C 27 -1.83 -26.25 17.07
C LYS C 27 -3.27 -26.03 16.64
N GLY C 28 -4.20 -26.22 17.58
CA GLY C 28 -5.60 -26.05 17.30
C GLY C 28 -6.19 -27.24 16.56
N ILE C 29 -7.23 -26.99 15.78
CA ILE C 29 -7.90 -28.03 15.01
C ILE C 29 -6.94 -28.61 13.98
N GLY C 30 -6.05 -27.78 13.49
CA GLY C 30 -5.09 -28.23 12.50
C GLY C 30 -4.25 -29.38 13.04
N ARG C 31 -3.71 -29.24 14.24
CA ARG C 31 -2.89 -30.30 14.80
C ARG C 31 -3.67 -31.58 15.06
N GLU C 32 -4.90 -31.45 15.55
CA GLU C 32 -5.71 -32.63 15.80
C GLU C 32 -5.88 -33.36 14.48
N MET C 33 -5.90 -32.59 13.39
CA MET C 33 -6.04 -33.17 12.07
C MET C 33 -4.81 -34.00 11.74
N ALA C 34 -3.64 -33.43 11.97
CA ALA C 34 -2.42 -34.17 11.69
C ALA C 34 -2.51 -35.49 12.44
N TYR C 35 -2.81 -35.39 13.73
CA TYR C 35 -2.91 -36.58 14.58
C TYR C 35 -3.89 -37.62 14.06
N HIS C 36 -5.10 -37.21 13.69
CA HIS C 36 -6.04 -38.18 13.18
C HIS C 36 -5.49 -38.79 11.90
N LEU C 37 -4.97 -37.93 11.03
CA LEU C 37 -4.42 -38.43 9.78
C LEU C 37 -3.26 -39.38 10.06
N ALA C 38 -2.42 -38.98 10.99
CA ALA C 38 -1.26 -39.78 11.37
C ALA C 38 -1.72 -41.16 11.80
N LYS C 39 -2.72 -41.22 12.68
CA LYS C 39 -3.22 -42.50 13.17
C LYS C 39 -3.90 -43.33 12.07
N MET C 40 -4.14 -42.70 10.91
CA MET C 40 -4.79 -43.40 9.81
C MET C 40 -3.77 -43.76 8.76
N GLY C 41 -2.51 -43.82 9.15
CA GLY C 41 -1.46 -44.16 8.22
C GLY C 41 -1.49 -43.37 6.92
N ALA C 42 -1.30 -42.06 7.02
CA ALA C 42 -1.30 -41.21 5.85
C ALA C 42 -0.01 -40.41 5.84
N HIS C 43 0.47 -40.07 4.65
CA HIS C 43 1.68 -39.27 4.56
C HIS C 43 1.24 -37.83 4.87
N VAL C 44 1.74 -37.29 5.96
CA VAL C 44 1.37 -35.95 6.32
C VAL C 44 2.55 -34.99 6.34
N VAL C 45 2.37 -33.83 5.72
CA VAL C 45 3.39 -32.79 5.69
C VAL C 45 2.71 -31.58 6.33
N VAL C 46 3.08 -31.27 7.56
CA VAL C 46 2.48 -30.15 8.26
C VAL C 46 3.28 -28.86 8.14
N THR C 47 2.58 -27.74 8.27
CA THR C 47 3.20 -26.41 8.21
C THR C 47 2.60 -25.44 9.21
N ALA C 48 3.42 -24.44 9.57
CA ALA C 48 3.08 -23.36 10.51
C ALA C 48 4.30 -22.44 10.60
N ARG C 49 4.39 -21.66 11.67
CA ARG C 49 5.52 -20.75 11.86
C ARG C 49 6.43 -21.27 12.97
N SER C 50 5.83 -21.79 14.05
CA SER C 50 6.57 -22.30 15.20
C SER C 50 7.32 -23.60 14.93
N LYS C 51 8.44 -23.48 14.23
CA LYS C 51 9.26 -24.64 13.88
C LYS C 51 9.30 -25.69 14.96
N GLU C 52 9.90 -25.33 16.09
CA GLU C 52 10.05 -26.22 17.22
C GLU C 52 8.84 -27.11 17.52
N THR C 53 7.69 -26.50 17.75
CA THR C 53 6.49 -27.28 18.05
C THR C 53 5.97 -28.09 16.86
N LEU C 54 6.34 -27.72 15.64
CA LEU C 54 5.90 -28.48 14.48
C LEU C 54 6.53 -29.85 14.59
N GLN C 55 7.82 -29.88 14.95
CA GLN C 55 8.54 -31.14 15.10
C GLN C 55 7.87 -31.99 16.19
N LYS C 56 7.56 -31.38 17.32
CA LYS C 56 6.88 -32.13 18.37
C LYS C 56 5.66 -32.80 17.76
N VAL C 57 5.07 -32.14 16.77
CA VAL C 57 3.89 -32.66 16.08
C VAL C 57 4.30 -33.75 15.10
N VAL C 58 5.33 -33.49 14.29
CA VAL C 58 5.81 -34.47 13.34
C VAL C 58 6.22 -35.75 14.05
N SER C 59 7.07 -35.62 15.07
CA SER C 59 7.56 -36.78 15.79
C SER C 59 6.40 -37.55 16.40
N HIS C 60 5.42 -36.84 16.92
CA HIS C 60 4.26 -37.46 17.51
C HIS C 60 3.45 -38.19 16.44
N CYS C 61 3.47 -37.65 15.23
CA CYS C 61 2.74 -38.24 14.12
C CYS C 61 3.34 -39.58 13.72
N LEU C 62 4.68 -39.64 13.69
CA LEU C 62 5.39 -40.87 13.35
C LEU C 62 5.08 -41.87 14.45
N GLU C 63 5.13 -41.41 15.71
CA GLU C 63 4.81 -42.26 16.85
C GLU C 63 3.42 -42.87 16.60
N LEU C 64 2.46 -41.99 16.36
CA LEU C 64 1.07 -42.37 16.12
C LEU C 64 0.87 -43.25 14.89
N GLY C 65 1.91 -43.36 14.06
CA GLY C 65 1.82 -44.20 12.88
C GLY C 65 1.78 -43.46 11.56
N ALA C 66 2.44 -42.31 11.48
CA ALA C 66 2.46 -41.58 10.23
C ALA C 66 3.10 -42.48 9.17
N ALA C 67 2.50 -42.57 8.00
CA ALA C 67 3.08 -43.38 6.94
C ALA C 67 4.34 -42.66 6.46
N SER C 68 4.47 -41.41 6.88
CA SER C 68 5.59 -40.53 6.53
C SER C 68 5.20 -39.26 7.29
N ALA C 69 6.15 -38.39 7.60
CA ALA C 69 5.80 -37.16 8.32
C ALA C 69 6.93 -36.14 8.42
N HIS C 70 6.82 -35.09 7.62
CA HIS C 70 7.81 -34.00 7.61
C HIS C 70 7.12 -32.69 7.96
N TYR C 71 7.90 -31.63 8.03
CA TYR C 71 7.32 -30.32 8.31
C TYR C 71 8.12 -29.25 7.59
N ILE C 72 7.44 -28.18 7.21
CA ILE C 72 8.10 -27.08 6.52
C ILE C 72 7.59 -25.77 7.12
N ALA C 73 8.23 -25.34 8.20
CA ALA C 73 7.87 -24.11 8.90
C ALA C 73 8.02 -22.87 8.02
N GLY C 74 7.19 -21.87 8.29
CA GLY C 74 7.25 -20.64 7.51
C GLY C 74 6.02 -19.78 7.77
N THR C 75 5.91 -18.65 7.09
CA THR C 75 4.77 -17.78 7.27
C THR C 75 3.95 -17.67 6.00
N MET C 76 2.64 -17.78 6.16
CA MET C 76 1.74 -17.70 5.01
C MET C 76 1.56 -16.29 4.49
N GLU C 77 2.44 -15.38 4.91
CA GLU C 77 2.35 -14.01 4.44
C GLU C 77 3.21 -13.87 3.18
N ASP C 78 4.27 -14.67 3.08
CA ASP C 78 5.12 -14.65 1.91
C ASP C 78 4.54 -15.60 0.88
N MET C 79 3.76 -15.07 -0.06
CA MET C 79 3.13 -15.91 -1.07
C MET C 79 4.11 -16.82 -1.76
N THR C 80 5.38 -16.45 -1.72
CA THR C 80 6.41 -17.25 -2.33
C THR C 80 6.52 -18.52 -1.51
N PHE C 81 6.74 -18.34 -0.22
CA PHE C 81 6.87 -19.46 0.70
C PHE C 81 5.72 -20.41 0.46
N ALA C 82 4.52 -19.85 0.42
CA ALA C 82 3.30 -20.60 0.20
C ALA C 82 3.40 -21.33 -1.11
N GLU C 83 4.00 -20.69 -2.11
CA GLU C 83 4.13 -21.32 -3.43
C GLU C 83 5.25 -22.35 -3.48
N GLN C 84 6.22 -22.21 -2.58
CA GLN C 84 7.32 -23.16 -2.55
C GLN C 84 6.91 -24.33 -1.67
N PHE C 85 6.49 -24.04 -0.45
CA PHE C 85 6.06 -25.04 0.51
C PHE C 85 5.29 -26.24 -0.06
N VAL C 86 4.29 -25.98 -0.90
CA VAL C 86 3.52 -27.07 -1.48
C VAL C 86 4.32 -27.86 -2.52
N ALA C 87 5.26 -27.20 -3.18
CA ALA C 87 6.11 -27.85 -4.18
C ALA C 87 7.12 -28.77 -3.51
N GLN C 88 7.62 -28.36 -2.34
CA GLN C 88 8.56 -29.13 -1.58
C GLN C 88 7.81 -30.24 -0.85
N ALA C 89 6.63 -29.92 -0.35
CA ALA C 89 5.81 -30.89 0.35
C ALA C 89 5.50 -32.04 -0.61
N GLY C 90 5.44 -31.69 -1.90
CA GLY C 90 5.17 -32.69 -2.92
C GLY C 90 6.39 -33.56 -3.11
N LYS C 91 7.55 -32.91 -3.20
CA LYS C 91 8.82 -33.61 -3.36
C LYS C 91 8.95 -34.73 -2.32
N LEU C 92 8.68 -34.40 -1.07
CA LEU C 92 8.81 -35.38 -0.01
C LEU C 92 7.78 -36.49 -0.06
N MET C 93 6.61 -36.20 -0.60
CA MET C 93 5.56 -37.22 -0.64
C MET C 93 5.34 -37.91 -2.01
N GLY C 94 6.03 -37.44 -3.03
CA GLY C 94 5.86 -38.06 -4.33
C GLY C 94 4.41 -37.93 -4.77
N GLY C 95 3.83 -36.76 -4.53
CA GLY C 95 2.45 -36.52 -4.92
C GLY C 95 1.70 -35.65 -3.94
N LEU C 96 0.37 -35.75 -3.97
CA LEU C 96 -0.50 -34.99 -3.09
C LEU C 96 -1.92 -35.39 -3.42
N ASP C 97 -2.67 -35.84 -2.41
CA ASP C 97 -4.05 -36.28 -2.61
C ASP C 97 -5.03 -35.32 -1.97
N MET C 98 -4.56 -34.55 -1.00
CA MET C 98 -5.44 -33.65 -0.29
C MET C 98 -4.80 -32.39 0.28
N LEU C 99 -5.33 -31.23 -0.10
CA LEU C 99 -4.82 -29.94 0.37
C LEU C 99 -5.77 -29.40 1.45
N ILE C 100 -5.31 -29.36 2.70
CA ILE C 100 -6.15 -28.87 3.80
C ILE C 100 -5.72 -27.49 4.28
N LEU C 101 -6.43 -26.46 3.83
CA LEU C 101 -6.12 -25.08 4.20
C LEU C 101 -6.83 -24.73 5.50
N ASN C 102 -6.06 -24.69 6.59
CA ASN C 102 -6.62 -24.42 7.90
C ASN C 102 -6.09 -23.17 8.62
N HIS C 103 -4.84 -22.82 8.35
CA HIS C 103 -4.24 -21.66 9.01
C HIS C 103 -4.98 -20.31 8.91
N ILE C 104 -4.91 -19.51 9.97
CA ILE C 104 -5.50 -18.16 9.99
C ILE C 104 -4.57 -17.23 10.78
N THR C 105 -4.59 -15.94 10.47
CA THR C 105 -3.75 -14.97 11.17
C THR C 105 -4.49 -14.61 12.45
N ASN C 106 -3.75 -14.23 13.47
CA ASN C 106 -4.34 -13.88 14.76
C ASN C 106 -5.23 -12.65 14.72
N THR C 107 -6.34 -12.72 15.45
CA THR C 107 -7.30 -11.62 15.53
C THR C 107 -8.00 -11.70 16.88
N SER C 108 -8.95 -10.80 17.12
CA SER C 108 -9.69 -10.78 18.37
C SER C 108 -11.04 -10.11 18.21
N LEU C 109 -11.73 -9.94 19.34
CA LEU C 109 -13.06 -9.34 19.37
C LEU C 109 -13.07 -7.87 19.74
N ASN C 110 -13.34 -7.02 18.76
CA ASN C 110 -13.42 -5.58 18.96
C ASN C 110 -14.19 -4.95 17.82
N LEU C 111 -14.66 -3.73 18.06
CA LEU C 111 -15.42 -3.00 17.08
C LEU C 111 -14.45 -2.48 16.05
N PHE C 112 -14.90 -2.37 14.81
CA PHE C 112 -14.03 -1.87 13.77
C PHE C 112 -13.98 -0.35 13.82
N HIS C 113 -12.79 0.20 14.01
CA HIS C 113 -12.61 1.63 14.04
C HIS C 113 -11.89 2.05 12.77
N ASP C 114 -10.64 1.64 12.62
CA ASP C 114 -9.91 2.00 11.42
C ASP C 114 -8.66 1.18 11.18
N ASP C 115 -8.65 -0.05 11.68
CA ASP C 115 -7.50 -0.92 11.50
C ASP C 115 -7.56 -1.46 10.07
N ILE C 116 -7.28 -0.59 9.10
CA ILE C 116 -7.32 -0.96 7.70
C ILE C 116 -6.27 -2.02 7.49
N HIS C 117 -5.25 -2.01 8.34
CA HIS C 117 -4.18 -2.99 8.20
C HIS C 117 -4.67 -4.38 8.54
N HIS C 118 -5.20 -4.54 9.75
CA HIS C 118 -5.70 -5.84 10.16
C HIS C 118 -6.56 -6.51 9.09
N VAL C 119 -7.46 -5.74 8.49
CA VAL C 119 -8.34 -6.25 7.44
C VAL C 119 -7.49 -6.79 6.31
N ARG C 120 -6.62 -5.94 5.81
CA ARG C 120 -5.74 -6.30 4.72
C ARG C 120 -4.93 -7.51 5.15
N LYS C 121 -4.58 -7.57 6.42
CA LYS C 121 -3.82 -8.69 6.95
C LYS C 121 -4.65 -9.97 6.81
N SER C 122 -5.88 -9.90 7.32
CA SER C 122 -6.77 -11.04 7.29
C SER C 122 -7.04 -11.58 5.89
N MET C 123 -7.23 -10.68 4.92
CA MET C 123 -7.50 -11.14 3.56
C MET C 123 -6.28 -11.84 3.01
N GLU C 124 -5.12 -11.24 3.25
CA GLU C 124 -3.86 -11.77 2.78
C GLU C 124 -3.58 -13.17 3.35
N VAL C 125 -3.65 -13.29 4.67
CA VAL C 125 -3.39 -14.55 5.36
C VAL C 125 -4.55 -15.53 5.27
N ASN C 126 -5.72 -15.11 5.72
CA ASN C 126 -6.92 -15.95 5.72
C ASN C 126 -7.42 -16.36 4.34
N PHE C 127 -7.15 -15.54 3.34
CA PHE C 127 -7.68 -15.80 2.02
C PHE C 127 -6.69 -15.97 0.87
N LEU C 128 -6.08 -14.87 0.46
CA LEU C 128 -5.12 -14.86 -0.63
C LEU C 128 -4.11 -16.03 -0.60
N SER C 129 -3.57 -16.33 0.58
CA SER C 129 -2.61 -17.42 0.70
C SER C 129 -3.24 -18.77 0.34
N TYR C 130 -4.54 -18.91 0.63
CA TYR C 130 -5.27 -20.13 0.33
C TYR C 130 -5.35 -20.26 -1.18
N VAL C 131 -5.59 -19.14 -1.86
CA VAL C 131 -5.67 -19.15 -3.30
C VAL C 131 -4.29 -19.50 -3.81
N VAL C 132 -3.30 -18.74 -3.39
CA VAL C 132 -1.94 -19.03 -3.80
C VAL C 132 -1.72 -20.52 -3.56
N LEU C 133 -1.75 -20.89 -2.28
CA LEU C 133 -1.56 -22.27 -1.84
C LEU C 133 -2.27 -23.26 -2.73
N THR C 134 -3.44 -22.89 -3.22
CA THR C 134 -4.20 -23.78 -4.08
C THR C 134 -3.55 -23.88 -5.44
N VAL C 135 -3.54 -22.79 -6.19
CA VAL C 135 -2.95 -22.77 -7.52
C VAL C 135 -1.67 -23.61 -7.62
N ALA C 136 -0.85 -23.51 -6.57
CA ALA C 136 0.42 -24.22 -6.51
C ALA C 136 0.23 -25.73 -6.43
N ALA C 137 -0.85 -26.16 -5.78
CA ALA C 137 -1.13 -27.58 -5.63
C ALA C 137 -2.03 -28.22 -6.70
N LEU C 138 -2.76 -27.41 -7.45
CA LEU C 138 -3.69 -27.98 -8.42
C LEU C 138 -3.12 -29.10 -9.30
N PRO C 139 -1.98 -28.86 -9.96
CA PRO C 139 -1.36 -29.87 -10.84
C PRO C 139 -1.33 -31.24 -10.16
N MET C 140 -0.67 -31.35 -9.02
CA MET C 140 -0.63 -32.61 -8.31
C MET C 140 -2.04 -33.04 -7.89
N LEU C 141 -2.96 -32.09 -7.78
CA LEU C 141 -4.30 -32.45 -7.39
C LEU C 141 -5.04 -32.99 -8.61
N LYS C 142 -4.83 -32.37 -9.76
CA LYS C 142 -5.48 -32.85 -10.97
C LYS C 142 -4.95 -34.24 -11.29
N GLN C 143 -3.69 -34.46 -11.00
CA GLN C 143 -3.06 -35.76 -11.24
C GLN C 143 -3.77 -36.86 -10.47
N SER C 144 -3.77 -36.75 -9.15
CA SER C 144 -4.42 -37.74 -8.32
C SER C 144 -5.93 -37.56 -8.23
N ASN C 145 -6.48 -36.61 -8.98
CA ASN C 145 -7.92 -36.38 -8.87
C ASN C 145 -8.19 -36.18 -7.38
N GLY C 146 -7.37 -35.33 -6.78
CA GLY C 146 -7.41 -35.05 -5.36
C GLY C 146 -8.57 -34.27 -4.77
N SER C 147 -8.29 -33.60 -3.65
CA SER C 147 -9.32 -32.84 -2.97
C SER C 147 -8.76 -31.66 -2.17
N ILE C 148 -9.44 -30.53 -2.29
CA ILE C 148 -9.06 -29.33 -1.54
C ILE C 148 -10.06 -29.25 -0.41
N VAL C 149 -9.59 -28.87 0.78
CA VAL C 149 -10.47 -28.73 1.95
C VAL C 149 -10.19 -27.36 2.55
N VAL C 150 -11.20 -26.51 2.55
CA VAL C 150 -11.08 -25.16 3.10
C VAL C 150 -11.86 -25.03 4.42
N VAL C 151 -11.15 -24.88 5.55
CA VAL C 151 -11.83 -24.75 6.84
C VAL C 151 -12.38 -23.34 7.03
N SER C 152 -13.69 -23.19 6.99
CA SER C 152 -14.29 -21.90 7.16
C SER C 152 -14.98 -21.80 8.53
N SER C 153 -15.93 -20.88 8.65
CA SER C 153 -16.59 -20.67 9.91
C SER C 153 -18.04 -20.25 9.75
N LEU C 154 -18.72 -20.03 10.87
CA LEU C 154 -20.10 -19.59 10.83
C LEU C 154 -20.05 -18.14 10.41
N ALA C 155 -19.08 -17.42 10.98
CA ALA C 155 -18.88 -16.00 10.68
C ALA C 155 -18.56 -15.80 9.21
N GLY C 156 -18.43 -16.90 8.49
CA GLY C 156 -18.17 -16.84 7.06
C GLY C 156 -19.44 -17.13 6.29
N LYS C 157 -20.50 -17.52 6.99
CA LYS C 157 -21.78 -17.81 6.37
C LYS C 157 -22.87 -16.87 6.81
N VAL C 158 -22.64 -16.18 7.92
CA VAL C 158 -23.59 -15.20 8.45
C VAL C 158 -22.80 -14.13 9.17
N ALA C 159 -23.40 -12.95 9.30
CA ALA C 159 -22.76 -11.81 9.95
C ALA C 159 -22.85 -11.92 11.44
N TYR C 160 -21.90 -11.29 12.11
CA TYR C 160 -21.78 -11.32 13.55
C TYR C 160 -20.81 -10.16 13.84
N PRO C 161 -21.04 -9.41 14.91
CA PRO C 161 -20.17 -8.29 15.26
C PRO C 161 -18.80 -8.65 15.87
N MET C 162 -17.91 -7.68 15.87
CA MET C 162 -16.56 -7.84 16.44
C MET C 162 -15.61 -8.68 15.59
N VAL C 163 -16.14 -9.28 14.52
CA VAL C 163 -15.31 -10.11 13.67
C VAL C 163 -15.30 -9.68 12.21
N ALA C 164 -15.50 -8.39 11.95
CA ALA C 164 -15.50 -7.81 10.60
C ALA C 164 -14.52 -8.38 9.56
N ALA C 165 -13.23 -8.25 9.78
CA ALA C 165 -12.27 -8.78 8.83
C ALA C 165 -12.37 -10.29 8.77
N TYR C 166 -12.44 -10.92 9.94
CA TYR C 166 -12.55 -12.37 10.00
C TYR C 166 -13.64 -12.87 9.04
N SER C 167 -14.81 -12.23 9.09
CA SER C 167 -15.96 -12.57 8.25
C SER C 167 -15.72 -12.24 6.77
N ALA C 168 -15.11 -11.10 6.53
CA ALA C 168 -14.84 -10.66 5.16
C ALA C 168 -14.00 -11.72 4.47
N SER C 169 -12.91 -12.09 5.11
CA SER C 169 -12.03 -13.09 4.54
C SER C 169 -12.80 -14.38 4.33
N LYS C 170 -13.48 -14.86 5.36
CA LYS C 170 -14.22 -16.10 5.24
C LYS C 170 -15.31 -16.10 4.18
N PHE C 171 -16.05 -15.00 4.06
CA PHE C 171 -17.09 -14.97 3.02
C PHE C 171 -16.39 -15.06 1.69
N ALA C 172 -15.29 -14.31 1.57
CA ALA C 172 -14.47 -14.28 0.35
C ALA C 172 -14.17 -15.69 -0.13
N LEU C 173 -13.72 -16.56 0.79
CA LEU C 173 -13.43 -17.95 0.49
C LEU C 173 -14.60 -18.65 -0.20
N ASP C 174 -15.81 -18.43 0.31
CA ASP C 174 -17.03 -19.02 -0.23
C ASP C 174 -17.24 -18.56 -1.67
N GLY C 175 -17.24 -17.25 -1.89
CA GLY C 175 -17.44 -16.75 -3.23
C GLY C 175 -16.38 -17.22 -4.20
N PHE C 176 -15.19 -17.44 -3.67
CA PHE C 176 -14.09 -17.90 -4.50
C PHE C 176 -14.08 -19.41 -4.69
N PHE C 177 -14.02 -20.16 -3.60
CA PHE C 177 -13.95 -21.60 -3.75
C PHE C 177 -15.21 -22.27 -4.24
N SER C 178 -16.35 -21.61 -4.02
CA SER C 178 -17.59 -22.18 -4.47
C SER C 178 -17.74 -21.83 -5.93
N SER C 179 -17.18 -20.70 -6.32
CA SER C 179 -17.22 -20.28 -7.70
C SER C 179 -16.33 -21.20 -8.55
N ILE C 180 -15.08 -21.42 -8.17
CA ILE C 180 -14.24 -22.29 -8.99
C ILE C 180 -14.67 -23.75 -8.90
N ARG C 181 -15.42 -24.14 -7.88
CA ARG C 181 -15.86 -25.53 -7.84
C ARG C 181 -16.71 -25.70 -9.09
N LYS C 182 -17.54 -24.71 -9.38
CA LYS C 182 -18.39 -24.74 -10.55
C LYS C 182 -17.61 -24.69 -11.84
N GLU C 183 -16.40 -24.16 -11.77
CA GLU C 183 -15.59 -24.09 -12.96
C GLU C 183 -14.95 -25.46 -13.13
N TYR C 184 -14.56 -26.05 -12.01
CA TYR C 184 -13.94 -27.38 -12.02
C TYR C 184 -14.90 -28.40 -12.61
N SER C 185 -16.19 -28.12 -12.50
CA SER C 185 -17.17 -29.02 -13.05
C SER C 185 -17.11 -28.87 -14.55
N VAL C 186 -17.43 -27.66 -15.00
CA VAL C 186 -17.42 -27.33 -16.41
C VAL C 186 -16.21 -27.88 -17.13
N SER C 187 -15.03 -27.42 -16.73
CA SER C 187 -13.79 -27.87 -17.34
C SER C 187 -13.32 -29.17 -16.71
N ARG C 188 -14.26 -30.07 -16.45
CA ARG C 188 -13.99 -31.38 -15.83
C ARG C 188 -12.65 -31.58 -15.09
N VAL C 189 -12.45 -30.78 -14.06
CA VAL C 189 -11.24 -30.88 -13.23
C VAL C 189 -11.67 -31.77 -12.07
N ASN C 190 -11.22 -33.02 -12.10
CA ASN C 190 -11.63 -33.98 -11.09
C ASN C 190 -11.03 -33.85 -9.69
N VAL C 191 -11.00 -32.63 -9.20
CA VAL C 191 -10.49 -32.38 -7.87
C VAL C 191 -11.65 -31.81 -7.10
N SER C 192 -11.96 -32.38 -5.95
CA SER C 192 -13.09 -31.88 -5.16
C SER C 192 -12.74 -30.74 -4.21
N ILE C 193 -13.73 -29.89 -3.97
CA ILE C 193 -13.55 -28.74 -3.09
C ILE C 193 -14.56 -28.86 -1.97
N THR C 194 -14.06 -28.74 -0.74
CA THR C 194 -14.92 -28.87 0.43
C THR C 194 -14.81 -27.70 1.40
N LEU C 195 -15.93 -27.05 1.64
CA LEU C 195 -15.99 -25.93 2.57
C LEU C 195 -16.47 -26.44 3.93
N CYS C 196 -15.71 -26.15 4.99
CA CYS C 196 -16.10 -26.60 6.34
C CYS C 196 -16.53 -25.44 7.19
N VAL C 197 -17.83 -25.39 7.49
CA VAL C 197 -18.40 -24.33 8.32
C VAL C 197 -18.36 -24.74 9.80
N LEU C 198 -17.60 -24.01 10.61
CA LEU C 198 -17.47 -24.33 12.03
C LEU C 198 -18.04 -23.33 13.04
N GLY C 199 -18.64 -23.89 14.09
CA GLY C 199 -19.17 -23.06 15.15
C GLY C 199 -18.05 -22.89 16.14
N LEU C 200 -18.32 -22.41 17.34
CA LEU C 200 -17.24 -22.27 18.30
C LEU C 200 -16.64 -23.67 18.54
N ILE C 201 -15.32 -23.75 18.50
CA ILE C 201 -14.57 -25.00 18.70
C ILE C 201 -13.63 -24.75 19.88
N ASP C 202 -13.60 -25.66 20.84
CA ASP C 202 -12.78 -25.50 22.04
C ASP C 202 -11.25 -25.47 21.95
N THR C 203 -10.70 -24.69 21.04
CA THR C 203 -9.24 -24.60 20.99
C THR C 203 -8.87 -23.49 21.97
N GLU C 204 -7.61 -23.41 22.33
CA GLU C 204 -7.17 -22.41 23.28
C GLU C 204 -7.18 -21.01 22.68
N THR C 205 -6.49 -20.85 21.56
CA THR C 205 -6.42 -19.56 20.86
C THR C 205 -7.79 -18.87 20.92
N ALA C 206 -8.84 -19.60 20.52
CA ALA C 206 -10.20 -19.06 20.52
C ALA C 206 -10.83 -19.01 21.91
N MET C 207 -10.83 -20.12 22.62
CA MET C 207 -11.41 -20.13 23.94
C MET C 207 -10.94 -18.93 24.73
N LYS C 208 -9.69 -18.54 24.49
CA LYS C 208 -9.09 -17.39 25.17
C LYS C 208 -9.71 -16.07 24.68
N ALA C 209 -9.61 -15.79 23.39
CA ALA C 209 -10.15 -14.56 22.81
C ALA C 209 -11.67 -14.39 22.95
N VAL C 210 -12.35 -15.44 23.37
CA VAL C 210 -13.81 -15.41 23.51
C VAL C 210 -14.32 -15.33 24.94
N SER C 211 -13.63 -15.98 25.86
CA SER C 211 -14.01 -16.02 27.27
C SER C 211 -14.49 -14.66 27.78
N GLY C 212 -15.73 -14.64 28.27
CA GLY C 212 -16.33 -13.41 28.77
C GLY C 212 -17.38 -12.84 27.84
N ILE C 213 -16.97 -12.57 26.61
CA ILE C 213 -17.85 -12.01 25.61
C ILE C 213 -18.88 -13.01 25.07
N VAL C 214 -18.43 -13.92 24.21
CA VAL C 214 -19.32 -14.91 23.61
C VAL C 214 -19.78 -16.02 24.58
N HIS C 215 -21.05 -16.40 24.48
CA HIS C 215 -21.60 -17.42 25.37
C HIS C 215 -22.13 -18.66 24.67
N MET C 216 -21.57 -19.00 23.51
CA MET C 216 -21.99 -20.19 22.78
C MET C 216 -21.31 -21.37 23.46
N GLN C 217 -21.68 -22.58 23.07
CA GLN C 217 -21.05 -23.76 23.65
C GLN C 217 -19.94 -24.16 22.69
N ALA C 218 -18.83 -24.66 23.22
CA ALA C 218 -17.73 -25.07 22.36
C ALA C 218 -17.98 -26.48 21.84
N ALA C 219 -17.02 -26.95 21.05
CA ALA C 219 -17.09 -28.28 20.47
C ALA C 219 -15.71 -28.85 20.63
N PRO C 220 -15.59 -30.17 20.73
CA PRO C 220 -14.24 -30.73 20.89
C PRO C 220 -13.40 -30.67 19.60
N LYS C 221 -12.24 -30.01 19.71
CA LYS C 221 -11.35 -29.88 18.56
C LYS C 221 -11.07 -31.25 17.95
N GLU C 222 -11.02 -32.27 18.78
CA GLU C 222 -10.73 -33.62 18.32
C GLU C 222 -11.76 -34.17 17.33
N GLU C 223 -13.03 -34.09 17.70
CA GLU C 223 -14.10 -34.57 16.84
C GLU C 223 -14.15 -33.72 15.56
N CYS C 224 -14.16 -32.41 15.77
CA CYS C 224 -14.21 -31.44 14.67
C CYS C 224 -13.15 -31.78 13.65
N ALA C 225 -11.97 -32.10 14.14
CA ALA C 225 -10.84 -32.43 13.27
C ALA C 225 -11.11 -33.61 12.38
N LEU C 226 -11.77 -34.63 12.93
CA LEU C 226 -12.06 -35.83 12.14
C LEU C 226 -13.26 -35.58 11.24
N GLU C 227 -14.24 -34.82 11.72
CA GLU C 227 -15.43 -34.49 10.94
C GLU C 227 -15.02 -33.75 9.64
N ILE C 228 -14.03 -32.87 9.75
CA ILE C 228 -13.54 -32.14 8.58
C ILE C 228 -12.84 -33.10 7.64
N ILE C 229 -12.07 -34.04 8.20
CA ILE C 229 -11.34 -35.01 7.41
C ILE C 229 -12.32 -35.90 6.66
N LYS C 230 -13.27 -36.45 7.38
CA LYS C 230 -14.24 -37.32 6.77
C LYS C 230 -14.90 -36.62 5.59
N GLY C 231 -15.25 -35.35 5.78
CA GLY C 231 -15.88 -34.57 4.74
C GLY C 231 -15.10 -34.44 3.45
N GLY C 232 -13.77 -34.48 3.55
CA GLY C 232 -12.93 -34.36 2.36
C GLY C 232 -12.64 -35.72 1.78
N ALA C 233 -12.50 -36.71 2.65
CA ALA C 233 -12.26 -38.07 2.24
C ALA C 233 -13.44 -38.48 1.37
N LEU C 234 -14.60 -37.95 1.73
CA LEU C 234 -15.87 -38.21 1.04
C LEU C 234 -16.31 -37.15 0.02
N ARG C 235 -15.39 -36.27 -0.38
CA ARG C 235 -15.69 -35.23 -1.36
C ARG C 235 -17.09 -34.56 -1.26
N GLN C 236 -17.42 -34.00 -0.10
CA GLN C 236 -18.70 -33.34 0.09
C GLN C 236 -18.50 -31.85 -0.08
N GLU C 237 -19.39 -31.21 -0.82
CA GLU C 237 -19.25 -29.78 -1.05
C GLU C 237 -19.09 -29.02 0.25
N GLU C 238 -19.94 -29.27 1.23
CA GLU C 238 -19.79 -28.57 2.48
C GLU C 238 -19.90 -29.47 3.70
N VAL C 239 -19.43 -28.96 4.83
CA VAL C 239 -19.44 -29.68 6.08
C VAL C 239 -19.83 -28.72 7.18
N TYR C 240 -20.90 -29.04 7.92
CA TYR C 240 -21.34 -28.19 9.00
C TYR C 240 -21.06 -28.89 10.32
N TYR C 241 -20.52 -28.13 11.28
CA TYR C 241 -20.22 -28.69 12.59
C TYR C 241 -20.29 -27.68 13.73
N ASP C 242 -21.41 -27.69 14.43
CA ASP C 242 -21.64 -26.82 15.59
C ASP C 242 -22.52 -27.58 16.57
N SER C 243 -22.20 -27.46 17.86
CA SER C 243 -22.96 -28.13 18.90
C SER C 243 -24.46 -27.94 18.78
N SER C 244 -24.89 -26.75 18.36
CA SER C 244 -26.31 -26.47 18.19
C SER C 244 -26.94 -27.08 16.93
N LEU C 245 -27.98 -27.88 17.12
CA LEU C 245 -28.67 -28.52 16.00
C LEU C 245 -29.50 -27.46 15.30
N TRP C 246 -29.72 -26.36 16.01
CA TRP C 246 -30.46 -25.24 15.46
C TRP C 246 -29.58 -24.53 14.45
N THR C 247 -28.31 -24.40 14.79
CA THR C 247 -27.37 -23.76 13.92
C THR C 247 -27.15 -24.65 12.70
N THR C 248 -26.91 -25.93 12.95
CA THR C 248 -26.66 -26.87 11.86
C THR C 248 -27.76 -26.95 10.81
N LEU C 249 -29.00 -26.60 11.18
CA LEU C 249 -30.10 -26.65 10.22
C LEU C 249 -30.30 -25.33 9.49
N LEU C 250 -30.18 -24.24 10.23
CA LEU C 250 -30.34 -22.91 9.66
C LEU C 250 -29.17 -22.56 8.78
N ILE C 251 -28.01 -23.08 9.16
CA ILE C 251 -26.79 -22.81 8.43
C ILE C 251 -26.84 -23.25 6.97
N ARG C 252 -27.82 -24.07 6.60
CA ARG C 252 -27.92 -24.50 5.21
C ARG C 252 -28.78 -23.51 4.45
N ASN C 253 -28.36 -23.18 3.23
CA ASN C 253 -29.08 -22.22 2.38
C ASN C 253 -29.69 -22.88 1.14
N PRO C 254 -30.81 -23.57 1.29
CA PRO C 254 -31.48 -24.25 0.17
C PRO C 254 -31.72 -23.35 -1.03
N SER C 255 -32.24 -22.16 -0.78
CA SER C 255 -32.50 -21.21 -1.86
C SER C 255 -31.32 -21.10 -2.84
N ARG C 256 -30.14 -20.78 -2.33
CA ARG C 256 -28.94 -20.65 -3.17
C ARG C 256 -28.67 -21.92 -3.99
N LYS C 257 -28.75 -23.08 -3.35
CA LYS C 257 -28.53 -24.30 -4.07
C LYS C 257 -29.48 -24.32 -5.24
N ILE C 258 -30.73 -23.92 -4.97
CA ILE C 258 -31.75 -23.89 -6.01
C ILE C 258 -31.45 -22.81 -7.05
N LEU C 259 -31.08 -21.63 -6.60
CA LEU C 259 -30.80 -20.56 -7.54
C LEU C 259 -29.58 -20.89 -8.39
N GLU C 260 -28.73 -21.78 -7.90
CA GLU C 260 -27.53 -22.16 -8.65
C GLU C 260 -27.81 -23.26 -9.64
N PHE C 261 -28.67 -24.20 -9.27
CA PHE C 261 -29.02 -25.29 -10.16
C PHE C 261 -29.77 -24.74 -11.36
N LEU C 262 -30.70 -23.84 -11.10
CA LEU C 262 -31.51 -23.22 -12.13
C LEU C 262 -30.68 -22.27 -12.99
N TYR C 263 -29.37 -22.26 -12.78
CA TYR C 263 -28.53 -21.36 -13.53
C TYR C 263 -27.42 -22.09 -14.28
N SER C 264 -27.08 -23.27 -13.78
CA SER C 264 -26.04 -24.08 -14.41
C SER C 264 -26.65 -25.30 -15.09
N GLU D 8 -42.49 5.50 4.77
CA GLU D 8 -41.82 4.27 4.24
C GLU D 8 -42.02 4.14 2.74
N GLU D 9 -42.36 5.25 2.10
CA GLU D 9 -42.55 5.34 0.65
C GLU D 9 -41.56 6.39 0.20
N PHE D 10 -40.70 6.03 -0.73
CA PHE D 10 -39.69 6.97 -1.22
C PHE D 10 -40.30 8.23 -1.81
N ARG D 11 -39.67 9.36 -1.52
CA ARG D 11 -40.10 10.65 -2.05
C ARG D 11 -38.85 11.30 -2.62
N PRO D 12 -38.90 11.75 -3.87
CA PRO D 12 -37.71 12.38 -4.46
C PRO D 12 -37.23 13.60 -3.68
N GLU D 13 -38.15 14.22 -2.93
CA GLU D 13 -37.82 15.39 -2.14
C GLU D 13 -36.84 14.97 -1.06
N MET D 14 -36.91 13.71 -0.67
CA MET D 14 -36.03 13.19 0.36
C MET D 14 -34.59 13.55 0.09
N LEU D 15 -34.20 13.56 -1.18
CA LEU D 15 -32.81 13.86 -1.58
C LEU D 15 -32.57 15.32 -1.96
N GLN D 16 -33.59 16.16 -1.83
CA GLN D 16 -33.45 17.56 -2.19
C GLN D 16 -32.42 18.22 -1.29
N GLY D 17 -31.27 18.54 -1.88
CA GLY D 17 -30.20 19.18 -1.12
C GLY D 17 -29.40 18.23 -0.24
N LYS D 18 -29.15 17.04 -0.75
CA LYS D 18 -28.39 16.07 0.01
C LYS D 18 -26.97 15.94 -0.54
N LYS D 19 -26.01 15.84 0.38
CA LYS D 19 -24.62 15.67 -0.01
C LYS D 19 -24.46 14.20 -0.33
N VAL D 20 -23.95 13.89 -1.51
CA VAL D 20 -23.81 12.50 -1.89
C VAL D 20 -22.58 12.19 -2.72
N ILE D 21 -21.89 11.12 -2.38
CA ILE D 21 -20.72 10.70 -3.16
C ILE D 21 -21.18 9.50 -4.00
N VAL D 22 -20.64 9.40 -5.21
CA VAL D 22 -20.96 8.31 -6.11
C VAL D 22 -19.65 7.88 -6.77
N THR D 23 -19.13 6.74 -6.36
CA THR D 23 -17.88 6.25 -6.91
C THR D 23 -18.08 5.55 -8.25
N GLY D 24 -17.01 5.47 -9.04
CA GLY D 24 -17.10 4.84 -10.35
C GLY D 24 -18.36 5.36 -10.98
N ALA D 25 -18.43 6.69 -11.14
CA ALA D 25 -19.61 7.35 -11.70
C ALA D 25 -19.48 8.00 -13.07
N SER D 26 -18.54 7.53 -13.88
CA SER D 26 -18.34 8.09 -15.20
C SER D 26 -19.08 7.26 -16.25
N LYS D 27 -19.26 5.98 -15.96
CA LYS D 27 -19.95 5.08 -16.86
C LYS D 27 -20.99 4.34 -16.04
N GLY D 28 -21.59 3.32 -16.66
CA GLY D 28 -22.57 2.48 -16.00
C GLY D 28 -23.55 3.07 -15.00
N ILE D 29 -23.97 2.20 -14.06
CA ILE D 29 -24.92 2.55 -13.01
C ILE D 29 -24.52 3.87 -12.38
N GLY D 30 -23.27 3.91 -11.92
CA GLY D 30 -22.74 5.09 -11.27
C GLY D 30 -23.23 6.38 -11.89
N ARG D 31 -23.03 6.51 -13.20
CA ARG D 31 -23.46 7.70 -13.90
C ARG D 31 -24.96 7.88 -13.76
N GLU D 32 -25.69 6.79 -13.95
CA GLU D 32 -27.12 6.88 -13.82
C GLU D 32 -27.53 7.37 -12.44
N MET D 33 -26.95 6.79 -11.39
CA MET D 33 -27.29 7.24 -10.04
C MET D 33 -27.06 8.72 -9.92
N ALA D 34 -26.04 9.19 -10.63
CA ALA D 34 -25.71 10.60 -10.62
C ALA D 34 -26.83 11.36 -11.29
N TYR D 35 -27.06 11.08 -12.57
CA TYR D 35 -28.10 11.78 -13.31
C TYR D 35 -29.45 11.81 -12.58
N HIS D 36 -29.72 10.80 -11.77
CA HIS D 36 -30.97 10.77 -11.01
C HIS D 36 -30.82 11.74 -9.85
N LEU D 37 -29.69 11.65 -9.19
CA LEU D 37 -29.39 12.51 -8.06
C LEU D 37 -29.41 13.98 -8.48
N ALA D 38 -29.03 14.25 -9.72
CA ALA D 38 -29.03 15.62 -10.21
C ALA D 38 -30.48 16.06 -10.30
N LYS D 39 -31.26 15.33 -11.09
CA LYS D 39 -32.67 15.63 -11.26
C LYS D 39 -33.30 15.88 -9.90
N MET D 40 -33.01 15.00 -8.94
CA MET D 40 -33.60 15.17 -7.62
C MET D 40 -33.12 16.41 -6.87
N GLY D 41 -32.17 17.12 -7.45
CA GLY D 41 -31.66 18.33 -6.84
C GLY D 41 -30.76 18.10 -5.64
N ALA D 42 -29.84 17.16 -5.75
CA ALA D 42 -28.91 16.87 -4.66
C ALA D 42 -27.53 17.44 -4.96
N HIS D 43 -26.72 17.53 -3.92
CA HIS D 43 -25.36 18.02 -4.06
C HIS D 43 -24.53 16.76 -4.24
N VAL D 44 -23.99 16.56 -5.45
CA VAL D 44 -23.23 15.37 -5.71
C VAL D 44 -21.77 15.66 -5.95
N VAL D 45 -20.96 14.64 -5.76
CA VAL D 45 -19.53 14.68 -6.00
C VAL D 45 -19.26 13.30 -6.57
N VAL D 46 -18.70 13.26 -7.76
CA VAL D 46 -18.41 11.98 -8.39
C VAL D 46 -16.92 11.76 -8.53
N THR D 47 -16.53 10.50 -8.61
CA THR D 47 -15.14 10.14 -8.76
C THR D 47 -15.09 9.00 -9.73
N ALA D 48 -13.89 8.77 -10.25
CA ALA D 48 -13.59 7.71 -11.19
C ALA D 48 -12.16 8.01 -11.53
N ARG D 49 -11.75 7.63 -12.73
CA ARG D 49 -10.40 7.89 -13.15
C ARG D 49 -10.38 8.77 -14.37
N SER D 50 -11.29 8.50 -15.31
CA SER D 50 -11.37 9.25 -16.55
C SER D 50 -11.88 10.70 -16.42
N LYS D 51 -10.94 11.63 -16.30
CA LYS D 51 -11.26 13.05 -16.15
C LYS D 51 -12.24 13.57 -17.21
N GLU D 52 -12.02 13.20 -18.48
CA GLU D 52 -12.92 13.63 -19.55
C GLU D 52 -14.33 13.26 -19.16
N THR D 53 -14.62 11.96 -19.25
CA THR D 53 -15.92 11.41 -18.93
C THR D 53 -16.49 11.97 -17.62
N LEU D 54 -15.65 12.23 -16.62
CA LEU D 54 -16.14 12.75 -15.35
C LEU D 54 -16.64 14.18 -15.48
N GLN D 55 -16.02 14.94 -16.36
CA GLN D 55 -16.45 16.32 -16.59
C GLN D 55 -17.86 16.29 -17.21
N LYS D 56 -18.00 15.53 -18.30
CA LYS D 56 -19.25 15.35 -19.02
C LYS D 56 -20.43 14.98 -18.14
N VAL D 57 -20.19 14.10 -17.16
CA VAL D 57 -21.25 13.66 -16.27
C VAL D 57 -21.61 14.77 -15.28
N VAL D 58 -20.61 15.59 -14.94
CA VAL D 58 -20.80 16.71 -14.02
C VAL D 58 -21.55 17.82 -14.75
N SER D 59 -21.13 18.06 -15.98
CA SER D 59 -21.73 19.08 -16.83
C SER D 59 -23.19 18.77 -17.08
N HIS D 60 -23.48 17.51 -17.40
CA HIS D 60 -24.86 17.11 -17.64
C HIS D 60 -25.61 17.16 -16.30
N CYS D 61 -24.88 17.00 -15.21
CA CYS D 61 -25.54 17.05 -13.92
C CYS D 61 -26.07 18.43 -13.65
N LEU D 62 -25.24 19.44 -13.91
CA LEU D 62 -25.65 20.81 -13.70
C LEU D 62 -26.88 21.09 -14.57
N GLU D 63 -26.84 20.61 -15.81
CA GLU D 63 -27.96 20.78 -16.74
C GLU D 63 -29.23 20.22 -16.12
N LEU D 64 -29.15 18.95 -15.72
CA LEU D 64 -30.26 18.21 -15.12
C LEU D 64 -30.96 18.89 -13.96
N GLY D 65 -30.24 19.75 -13.23
CA GLY D 65 -30.87 20.42 -12.10
C GLY D 65 -30.25 19.99 -10.80
N ALA D 66 -28.96 19.70 -10.84
CA ALA D 66 -28.21 19.27 -9.67
C ALA D 66 -27.98 20.47 -8.76
N ALA D 67 -28.16 20.26 -7.46
CA ALA D 67 -27.95 21.32 -6.49
C ALA D 67 -26.48 21.76 -6.52
N SER D 68 -25.63 20.92 -7.10
CA SER D 68 -24.18 21.17 -7.23
C SER D 68 -23.52 19.93 -7.83
N ALA D 69 -22.45 20.10 -8.59
CA ALA D 69 -21.79 18.94 -9.18
C ALA D 69 -20.29 19.08 -9.38
N HIS D 70 -19.55 18.16 -8.78
CA HIS D 70 -18.11 18.15 -8.92
C HIS D 70 -17.62 16.75 -9.13
N TYR D 71 -16.36 16.65 -9.52
CA TYR D 71 -15.76 15.36 -9.74
C TYR D 71 -14.31 15.44 -9.33
N ILE D 72 -13.72 14.30 -9.01
CA ILE D 72 -12.32 14.23 -8.63
C ILE D 72 -11.81 12.89 -9.15
N ALA D 73 -10.73 12.92 -9.93
CA ALA D 73 -10.18 11.68 -10.49
C ALA D 73 -9.06 11.07 -9.65
N GLY D 74 -8.95 9.74 -9.73
CA GLY D 74 -7.94 8.99 -9.00
C GLY D 74 -8.26 7.51 -9.03
N THR D 75 -7.28 6.67 -8.72
CA THR D 75 -7.52 5.23 -8.71
C THR D 75 -7.86 4.82 -7.31
N MET D 76 -8.82 3.93 -7.20
CA MET D 76 -9.23 3.46 -5.91
C MET D 76 -8.28 2.33 -5.51
N GLU D 77 -7.16 2.26 -6.21
CA GLU D 77 -6.15 1.26 -5.92
C GLU D 77 -5.24 1.90 -4.89
N ASP D 78 -5.26 3.22 -4.87
CA ASP D 78 -4.46 4.02 -3.96
C ASP D 78 -5.25 4.43 -2.71
N MET D 79 -5.09 3.65 -1.64
CA MET D 79 -5.79 3.89 -0.37
C MET D 79 -5.49 5.23 0.26
N THR D 80 -4.76 6.09 -0.43
CA THR D 80 -4.44 7.39 0.13
C THR D 80 -5.25 8.44 -0.61
N PHE D 81 -5.61 8.13 -1.86
CA PHE D 81 -6.43 9.03 -2.66
C PHE D 81 -7.87 8.90 -2.18
N ALA D 82 -8.29 7.66 -1.91
CA ALA D 82 -9.62 7.39 -1.43
C ALA D 82 -9.78 8.05 -0.06
N GLU D 83 -8.69 8.06 0.70
CA GLU D 83 -8.68 8.64 2.04
C GLU D 83 -8.90 10.16 1.95
N GLN D 84 -8.20 10.80 1.02
CA GLN D 84 -8.30 12.24 0.81
C GLN D 84 -9.58 12.62 0.07
N PHE D 85 -9.98 11.78 -0.87
CA PHE D 85 -11.18 12.06 -1.66
C PHE D 85 -12.34 12.45 -0.75
N VAL D 86 -12.77 11.54 0.14
CA VAL D 86 -13.87 11.83 1.04
C VAL D 86 -13.68 13.20 1.67
N ALA D 87 -12.42 13.54 1.94
CA ALA D 87 -12.08 14.82 2.53
C ALA D 87 -12.38 15.92 1.51
N GLN D 88 -11.67 15.87 0.38
CA GLN D 88 -11.87 16.85 -0.69
C GLN D 88 -13.37 17.07 -0.95
N ALA D 89 -14.04 15.99 -1.33
CA ALA D 89 -15.47 16.05 -1.59
C ALA D 89 -16.15 16.62 -0.36
N GLY D 90 -15.66 16.21 0.80
CA GLY D 90 -16.21 16.66 2.06
C GLY D 90 -16.41 18.16 2.12
N LYS D 91 -15.33 18.93 2.05
CA LYS D 91 -15.46 20.37 2.14
C LYS D 91 -16.05 20.97 0.88
N LEU D 92 -16.22 20.15 -0.14
CA LEU D 92 -16.80 20.63 -1.38
C LEU D 92 -18.29 20.79 -1.23
N MET D 93 -18.86 20.12 -0.24
CA MET D 93 -20.29 20.21 -0.01
C MET D 93 -20.54 20.58 1.42
N GLY D 94 -19.48 20.63 2.20
CA GLY D 94 -19.63 20.98 3.61
C GLY D 94 -20.50 19.95 4.30
N GLY D 95 -20.14 18.68 4.13
CA GLY D 95 -20.90 17.62 4.76
C GLY D 95 -21.19 16.46 3.83
N LEU D 96 -21.63 15.36 4.42
CA LEU D 96 -21.96 14.15 3.66
C LEU D 96 -23.19 13.46 4.21
N ASP D 97 -24.13 13.13 3.32
CA ASP D 97 -25.37 12.46 3.73
C ASP D 97 -25.34 11.00 3.32
N MET D 98 -25.02 10.80 2.04
CA MET D 98 -25.03 9.47 1.48
C MET D 98 -23.73 9.17 0.79
N LEU D 99 -23.24 7.96 1.02
CA LEU D 99 -22.00 7.50 0.42
C LEU D 99 -22.34 6.29 -0.45
N ILE D 100 -22.14 6.41 -1.75
CA ILE D 100 -22.44 5.30 -2.64
C ILE D 100 -21.16 4.71 -3.21
N LEU D 101 -20.89 3.47 -2.83
CA LEU D 101 -19.70 2.77 -3.28
C LEU D 101 -20.12 1.92 -4.48
N ASN D 102 -19.61 2.28 -5.65
CA ASN D 102 -19.99 1.59 -6.87
C ASN D 102 -18.87 1.04 -7.75
N HIS D 103 -17.72 1.73 -7.78
CA HIS D 103 -16.57 1.37 -8.62
C HIS D 103 -16.00 -0.03 -8.43
N ILE D 104 -15.49 -0.59 -9.55
CA ILE D 104 -14.89 -1.92 -9.58
C ILE D 104 -13.85 -2.03 -10.69
N THR D 105 -12.77 -2.75 -10.41
CA THR D 105 -11.71 -2.93 -11.38
C THR D 105 -12.22 -3.76 -12.55
N ASN D 106 -11.87 -3.34 -13.76
CA ASN D 106 -12.30 -4.02 -14.98
C ASN D 106 -12.13 -5.52 -14.84
N THR D 107 -13.25 -6.23 -14.99
CA THR D 107 -13.25 -7.68 -14.87
C THR D 107 -13.81 -8.28 -16.13
N SER D 108 -13.40 -9.51 -16.43
CA SER D 108 -13.87 -10.23 -17.60
C SER D 108 -14.20 -11.64 -17.17
N LEU D 109 -14.96 -12.36 -17.99
CA LEU D 109 -15.28 -13.73 -17.65
C LEU D 109 -14.06 -14.52 -18.04
N ASN D 110 -13.76 -15.56 -17.28
CA ASN D 110 -12.60 -16.37 -17.57
C ASN D 110 -12.33 -17.36 -16.46
N LEU D 111 -11.99 -18.58 -16.85
CA LEU D 111 -11.69 -19.62 -15.88
C LEU D 111 -10.51 -19.15 -15.08
N PHE D 112 -10.48 -19.54 -13.81
CA PHE D 112 -9.37 -19.13 -12.98
C PHE D 112 -8.21 -20.12 -13.10
N HIS D 113 -7.08 -19.64 -13.58
CA HIS D 113 -5.95 -20.51 -13.69
C HIS D 113 -4.89 -20.12 -12.66
N ASP D 114 -4.34 -18.93 -12.81
CA ASP D 114 -3.31 -18.49 -11.88
C ASP D 114 -3.15 -16.98 -11.79
N ASP D 115 -4.20 -16.25 -12.12
CA ASP D 115 -4.11 -14.79 -12.07
C ASP D 115 -4.22 -14.31 -10.63
N ILE D 116 -3.14 -14.44 -9.87
CA ILE D 116 -3.18 -13.98 -8.50
C ILE D 116 -3.21 -12.45 -8.57
N HIS D 117 -2.48 -11.90 -9.54
CA HIS D 117 -2.42 -10.47 -9.77
C HIS D 117 -3.83 -9.87 -9.70
N HIS D 118 -4.76 -10.50 -10.43
CA HIS D 118 -6.16 -10.04 -10.49
C HIS D 118 -6.93 -10.21 -9.18
N VAL D 119 -6.87 -11.41 -8.61
CA VAL D 119 -7.56 -11.69 -7.35
C VAL D 119 -7.16 -10.65 -6.32
N ARG D 120 -5.86 -10.42 -6.25
CA ARG D 120 -5.30 -9.46 -5.33
C ARG D 120 -5.81 -8.09 -5.75
N LYS D 121 -5.73 -7.78 -7.04
CA LYS D 121 -6.20 -6.49 -7.52
C LYS D 121 -7.67 -6.28 -7.17
N SER D 122 -8.52 -7.24 -7.57
CA SER D 122 -9.95 -7.18 -7.31
C SER D 122 -10.29 -6.94 -5.85
N MET D 123 -9.58 -7.59 -4.93
CA MET D 123 -9.83 -7.42 -3.51
C MET D 123 -9.45 -6.02 -3.06
N GLU D 124 -8.52 -5.43 -3.78
CA GLU D 124 -8.06 -4.09 -3.45
C GLU D 124 -9.04 -3.02 -3.92
N VAL D 125 -9.45 -3.11 -5.18
CA VAL D 125 -10.34 -2.12 -5.77
C VAL D 125 -11.81 -2.35 -5.50
N ASN D 126 -12.19 -3.61 -5.43
CA ASN D 126 -13.60 -3.89 -5.20
C ASN D 126 -13.96 -3.94 -3.71
N PHE D 127 -12.98 -4.20 -2.83
CA PHE D 127 -13.26 -4.35 -1.40
C PHE D 127 -12.59 -3.46 -0.34
N LEU D 128 -11.26 -3.45 -0.26
CA LEU D 128 -10.59 -2.61 0.74
C LEU D 128 -10.85 -1.15 0.46
N SER D 129 -11.04 -0.89 -0.83
CA SER D 129 -11.35 0.43 -1.35
C SER D 129 -12.56 0.94 -0.58
N TYR D 130 -13.66 0.19 -0.66
CA TYR D 130 -14.89 0.56 0.04
C TYR D 130 -14.62 0.67 1.54
N VAL D 131 -13.72 -0.14 2.09
CA VAL D 131 -13.46 -0.04 3.52
C VAL D 131 -12.70 1.25 3.88
N VAL D 132 -11.73 1.62 3.05
CA VAL D 132 -11.01 2.85 3.30
C VAL D 132 -12.06 3.95 3.20
N LEU D 133 -12.74 4.04 2.05
CA LEU D 133 -13.78 5.05 1.87
C LEU D 133 -14.68 5.20 3.10
N THR D 134 -15.25 4.10 3.58
CA THR D 134 -16.11 4.17 4.73
C THR D 134 -15.41 4.77 5.94
N VAL D 135 -14.38 4.08 6.43
CA VAL D 135 -13.64 4.57 7.58
C VAL D 135 -13.44 6.07 7.46
N ALA D 136 -13.04 6.50 6.26
CA ALA D 136 -12.77 7.91 5.96
C ALA D 136 -14.00 8.79 6.10
N ALA D 137 -15.15 8.29 5.69
CA ALA D 137 -16.37 9.09 5.71
C ALA D 137 -17.32 8.90 6.90
N LEU D 138 -17.08 7.94 7.79
CA LEU D 138 -18.02 7.72 8.89
C LEU D 138 -18.34 8.98 9.69
N PRO D 139 -17.32 9.78 10.04
CA PRO D 139 -17.58 10.99 10.81
C PRO D 139 -18.73 11.85 10.24
N MET D 140 -18.54 12.41 9.05
CA MET D 140 -19.58 13.24 8.44
C MET D 140 -20.91 12.50 8.48
N LEU D 141 -20.89 11.23 8.08
CA LEU D 141 -22.09 10.42 8.09
C LEU D 141 -22.63 10.36 9.50
N LYS D 142 -21.74 10.33 10.46
CA LYS D 142 -22.17 10.31 11.85
C LYS D 142 -22.91 11.59 12.14
N GLN D 143 -22.30 12.72 11.83
CA GLN D 143 -22.93 14.02 12.07
C GLN D 143 -24.28 14.23 11.38
N SER D 144 -24.53 13.52 10.30
CA SER D 144 -25.79 13.71 9.59
C SER D 144 -26.69 12.48 9.61
N ASN D 145 -26.28 11.46 10.37
CA ASN D 145 -27.00 10.20 10.42
C ASN D 145 -27.29 9.78 8.98
N GLY D 146 -26.21 9.70 8.23
CA GLY D 146 -26.26 9.35 6.82
C GLY D 146 -26.44 7.88 6.52
N SER D 147 -25.99 7.50 5.33
CA SER D 147 -26.15 6.13 4.89
C SER D 147 -25.04 5.71 3.96
N ILE D 148 -24.76 4.40 3.96
CA ILE D 148 -23.74 3.84 3.10
C ILE D 148 -24.46 2.94 2.11
N VAL D 149 -24.07 3.03 0.84
CA VAL D 149 -24.68 2.20 -0.18
C VAL D 149 -23.60 1.40 -0.89
N VAL D 150 -23.58 0.10 -0.62
CA VAL D 150 -22.63 -0.81 -1.20
C VAL D 150 -23.37 -1.54 -2.31
N VAL D 151 -22.88 -1.37 -3.54
CA VAL D 151 -23.51 -1.98 -4.69
C VAL D 151 -22.88 -3.33 -5.06
N SER D 152 -23.51 -4.44 -4.67
CA SER D 152 -22.97 -5.75 -4.99
C SER D 152 -23.66 -6.49 -6.14
N SER D 153 -23.56 -7.81 -6.14
CA SER D 153 -24.15 -8.60 -7.23
C SER D 153 -24.69 -9.95 -6.81
N LEU D 154 -25.26 -10.67 -7.77
CA LEU D 154 -25.77 -12.00 -7.49
C LEU D 154 -24.57 -12.87 -7.19
N ALA D 155 -23.47 -12.60 -7.88
CA ALA D 155 -22.22 -13.34 -7.70
C ALA D 155 -21.75 -13.04 -6.30
N GLY D 156 -22.38 -12.05 -5.68
CA GLY D 156 -22.03 -11.68 -4.32
C GLY D 156 -22.85 -12.47 -3.30
N LYS D 157 -23.97 -13.08 -3.71
CA LYS D 157 -24.81 -13.85 -2.82
C LYS D 157 -24.85 -15.36 -3.14
N VAL D 158 -24.39 -15.72 -4.33
CA VAL D 158 -24.35 -17.11 -4.78
C VAL D 158 -23.19 -17.27 -5.73
N ALA D 159 -22.69 -18.50 -5.87
CA ALA D 159 -21.56 -18.76 -6.73
C ALA D 159 -22.01 -18.94 -8.17
N TYR D 160 -21.19 -18.45 -9.07
CA TYR D 160 -21.43 -18.53 -10.50
C TYR D 160 -19.99 -18.70 -10.99
N PRO D 161 -19.78 -19.42 -12.10
CA PRO D 161 -18.42 -19.61 -12.59
C PRO D 161 -17.80 -18.40 -13.30
N MET D 162 -16.57 -18.56 -13.79
CA MET D 162 -15.86 -17.50 -14.51
C MET D 162 -15.87 -16.10 -13.94
N VAL D 163 -16.17 -15.95 -12.66
CA VAL D 163 -16.16 -14.63 -12.02
C VAL D 163 -15.77 -14.83 -10.57
N ALA D 164 -15.00 -15.87 -10.33
CA ALA D 164 -14.56 -16.23 -8.98
C ALA D 164 -13.89 -15.08 -8.22
N ALA D 165 -12.91 -14.45 -8.85
CA ALA D 165 -12.21 -13.34 -8.20
C ALA D 165 -13.19 -12.21 -7.86
N TYR D 166 -13.98 -11.82 -8.85
CA TYR D 166 -14.96 -10.77 -8.67
C TYR D 166 -15.86 -11.23 -7.54
N SER D 167 -16.48 -12.39 -7.74
CA SER D 167 -17.38 -12.94 -6.74
C SER D 167 -16.77 -12.93 -5.33
N ALA D 168 -15.51 -13.34 -5.21
CA ALA D 168 -14.84 -13.36 -3.92
C ALA D 168 -14.92 -12.02 -3.21
N SER D 169 -14.67 -10.95 -3.95
CA SER D 169 -14.67 -9.64 -3.34
C SER D 169 -16.07 -9.23 -2.91
N LYS D 170 -17.07 -9.52 -3.75
CA LYS D 170 -18.43 -9.15 -3.40
C LYS D 170 -18.95 -9.88 -2.16
N PHE D 171 -18.40 -11.05 -1.85
CA PHE D 171 -18.83 -11.81 -0.66
C PHE D 171 -18.20 -11.15 0.54
N ALA D 172 -16.94 -10.74 0.37
CA ALA D 172 -16.21 -10.07 1.42
C ALA D 172 -17.03 -8.86 1.83
N LEU D 173 -17.48 -8.10 0.84
CA LEU D 173 -18.28 -6.91 1.09
C LEU D 173 -19.43 -7.22 2.04
N ASP D 174 -20.12 -8.34 1.79
CA ASP D 174 -21.23 -8.69 2.64
C ASP D 174 -20.76 -9.13 4.04
N GLY D 175 -19.80 -10.03 4.07
CA GLY D 175 -19.31 -10.47 5.36
C GLY D 175 -18.82 -9.31 6.19
N PHE D 176 -18.24 -8.32 5.54
CA PHE D 176 -17.69 -7.18 6.26
C PHE D 176 -18.73 -6.18 6.68
N PHE D 177 -19.39 -5.56 5.71
CA PHE D 177 -20.40 -4.56 6.01
C PHE D 177 -21.57 -5.06 6.84
N SER D 178 -21.85 -6.37 6.80
CA SER D 178 -22.96 -6.90 7.56
C SER D 178 -22.58 -7.04 9.04
N SER D 179 -21.31 -7.31 9.27
CA SER D 179 -20.81 -7.44 10.63
C SER D 179 -20.74 -6.05 11.26
N ILE D 180 -20.39 -5.06 10.43
CA ILE D 180 -20.27 -3.69 10.86
C ILE D 180 -21.64 -3.13 11.21
N ARG D 181 -22.64 -3.51 10.41
CA ARG D 181 -23.99 -3.07 10.62
C ARG D 181 -24.42 -3.42 12.06
N LYS D 182 -24.15 -4.66 12.47
CA LYS D 182 -24.51 -5.06 13.81
C LYS D 182 -23.72 -4.26 14.80
N GLU D 183 -22.43 -4.05 14.53
CA GLU D 183 -21.60 -3.29 15.45
C GLU D 183 -22.16 -1.89 15.67
N TYR D 184 -22.66 -1.28 14.60
CA TYR D 184 -23.24 0.05 14.66
C TYR D 184 -24.43 0.13 15.60
N SER D 185 -25.46 -0.66 15.30
CA SER D 185 -26.66 -0.65 16.13
C SER D 185 -26.35 -0.82 17.61
N VAL D 186 -25.76 -1.96 17.96
CA VAL D 186 -25.42 -2.25 19.35
C VAL D 186 -24.78 -1.08 20.10
N SER D 187 -24.12 -0.19 19.36
CA SER D 187 -23.48 0.99 19.99
C SER D 187 -24.10 2.28 19.49
N ARG D 188 -25.36 2.20 19.09
CA ARG D 188 -26.12 3.35 18.59
C ARG D 188 -25.45 4.22 17.53
N VAL D 189 -24.88 3.62 16.50
CA VAL D 189 -24.27 4.40 15.44
C VAL D 189 -25.33 4.53 14.36
N ASN D 190 -25.87 5.73 14.20
CA ASN D 190 -26.95 5.96 13.25
C ASN D 190 -26.60 6.28 11.81
N VAL D 191 -26.06 5.28 11.15
CA VAL D 191 -25.69 5.36 9.76
C VAL D 191 -26.25 4.08 9.15
N SER D 192 -27.10 4.21 8.15
CA SER D 192 -27.65 3.02 7.51
C SER D 192 -26.64 2.41 6.54
N ILE D 193 -26.71 1.10 6.37
CA ILE D 193 -25.82 0.42 5.45
C ILE D 193 -26.68 -0.39 4.51
N THR D 194 -26.75 0.05 3.26
CA THR D 194 -27.57 -0.65 2.28
C THR D 194 -26.74 -1.42 1.26
N LEU D 195 -26.86 -2.74 1.31
CA LEU D 195 -26.17 -3.64 0.40
C LEU D 195 -27.08 -3.83 -0.82
N CYS D 196 -26.51 -3.77 -2.02
CA CYS D 196 -27.31 -3.91 -3.24
C CYS D 196 -26.95 -5.12 -4.10
N VAL D 197 -27.74 -6.18 -3.94
CA VAL D 197 -27.54 -7.41 -4.69
C VAL D 197 -28.19 -7.25 -6.07
N LEU D 198 -27.38 -6.87 -7.05
CA LEU D 198 -27.86 -6.64 -8.40
C LEU D 198 -27.68 -7.79 -9.37
N GLY D 199 -28.61 -7.88 -10.31
CA GLY D 199 -28.53 -8.88 -11.34
C GLY D 199 -27.96 -8.15 -12.54
N LEU D 200 -27.92 -8.84 -13.67
CA LEU D 200 -27.37 -8.29 -14.92
C LEU D 200 -28.03 -6.99 -15.41
N ILE D 201 -27.26 -5.91 -15.43
CA ILE D 201 -27.79 -4.63 -15.90
C ILE D 201 -27.21 -4.34 -17.29
N ASP D 202 -27.87 -3.47 -18.06
CA ASP D 202 -27.42 -3.12 -19.42
C ASP D 202 -26.37 -2.01 -19.44
N THR D 203 -25.14 -2.32 -19.05
CA THR D 203 -24.09 -1.31 -19.03
C THR D 203 -23.05 -1.67 -20.03
N GLU D 204 -22.41 -0.66 -20.59
CA GLU D 204 -21.37 -0.84 -21.59
C GLU D 204 -20.50 -2.01 -21.16
N THR D 205 -20.00 -1.93 -19.93
CA THR D 205 -19.18 -2.97 -19.32
C THR D 205 -19.76 -4.39 -19.48
N ALA D 206 -20.92 -4.62 -18.88
CA ALA D 206 -21.57 -5.91 -18.93
C ALA D 206 -21.76 -6.46 -20.34
N MET D 207 -22.17 -5.60 -21.26
CA MET D 207 -22.40 -5.99 -22.64
C MET D 207 -21.20 -6.63 -23.34
N LYS D 208 -20.14 -5.87 -23.54
CA LYS D 208 -18.96 -6.38 -24.22
C LYS D 208 -18.35 -7.55 -23.44
N ALA D 209 -18.56 -7.55 -22.13
CA ALA D 209 -18.04 -8.61 -21.27
C ALA D 209 -18.68 -9.93 -21.65
N VAL D 210 -19.98 -9.89 -21.90
CA VAL D 210 -20.76 -11.07 -22.31
C VAL D 210 -20.78 -11.21 -23.85
N SER D 211 -21.97 -11.44 -24.41
CA SER D 211 -22.13 -11.59 -25.87
C SER D 211 -21.51 -12.89 -26.40
N GLY D 212 -20.50 -13.38 -25.70
CA GLY D 212 -19.82 -14.61 -26.10
C GLY D 212 -20.43 -15.90 -25.54
N ILE D 213 -19.74 -16.52 -24.59
CA ILE D 213 -20.19 -17.78 -23.97
C ILE D 213 -21.66 -17.75 -23.52
N VAL D 214 -22.10 -16.59 -23.05
CA VAL D 214 -23.46 -16.44 -22.56
C VAL D 214 -24.26 -15.36 -23.30
N HIS D 215 -25.55 -15.31 -22.98
CA HIS D 215 -26.52 -14.35 -23.55
C HIS D 215 -27.70 -14.30 -22.58
N MET D 216 -27.97 -13.14 -22.00
CA MET D 216 -29.07 -13.06 -21.05
C MET D 216 -29.81 -11.74 -21.05
N GLN D 217 -31.06 -11.79 -20.58
CA GLN D 217 -31.89 -10.60 -20.51
C GLN D 217 -31.28 -9.70 -19.46
N ALA D 218 -31.07 -8.43 -19.82
CA ALA D 218 -30.50 -7.48 -18.88
C ALA D 218 -31.54 -6.48 -18.43
N ALA D 219 -31.35 -5.93 -17.24
CA ALA D 219 -32.28 -4.95 -16.68
C ALA D 219 -31.81 -3.53 -16.98
N PRO D 220 -32.76 -2.59 -17.05
CA PRO D 220 -32.60 -1.16 -17.33
C PRO D 220 -31.64 -0.44 -16.38
N LYS D 221 -30.58 0.15 -16.93
CA LYS D 221 -29.60 0.84 -16.10
C LYS D 221 -30.21 2.00 -15.32
N GLU D 222 -31.08 2.77 -15.97
CA GLU D 222 -31.73 3.91 -15.34
C GLU D 222 -32.56 3.43 -14.16
N GLU D 223 -33.46 2.50 -14.45
CA GLU D 223 -34.34 1.95 -13.44
C GLU D 223 -33.59 1.25 -12.31
N CYS D 224 -32.42 0.72 -12.63
CA CYS D 224 -31.60 0.04 -11.64
C CYS D 224 -31.08 1.09 -10.68
N ALA D 225 -30.44 2.12 -11.25
CA ALA D 225 -29.87 3.23 -10.49
C ALA D 225 -30.89 3.89 -9.55
N LEU D 226 -32.12 4.01 -10.01
CA LEU D 226 -33.17 4.63 -9.21
C LEU D 226 -33.42 3.82 -7.94
N GLU D 227 -33.63 2.50 -8.11
CA GLU D 227 -33.90 1.63 -6.97
C GLU D 227 -32.74 1.64 -5.98
N ILE D 228 -31.51 1.59 -6.50
CA ILE D 228 -30.34 1.64 -5.63
C ILE D 228 -30.47 2.89 -4.76
N ILE D 229 -30.73 4.03 -5.41
CA ILE D 229 -30.88 5.32 -4.73
C ILE D 229 -31.99 5.26 -3.67
N LYS D 230 -33.14 4.71 -4.03
CA LYS D 230 -34.26 4.63 -3.11
C LYS D 230 -33.90 3.84 -1.87
N GLY D 231 -33.38 2.62 -2.07
CA GLY D 231 -32.99 1.75 -0.97
C GLY D 231 -32.20 2.39 0.15
N GLY D 232 -31.12 3.09 -0.18
CA GLY D 232 -30.34 3.76 0.84
C GLY D 232 -31.18 4.87 1.42
N ALA D 233 -31.83 5.61 0.52
CA ALA D 233 -32.71 6.73 0.87
C ALA D 233 -33.77 6.29 1.86
N LEU D 234 -34.21 5.06 1.74
CA LEU D 234 -35.21 4.56 2.65
C LEU D 234 -34.55 3.84 3.81
N ARG D 235 -33.22 3.79 3.78
CA ARG D 235 -32.46 3.13 4.84
C ARG D 235 -32.72 1.61 4.88
N GLN D 236 -33.17 1.04 3.78
CA GLN D 236 -33.40 -0.39 3.76
C GLN D 236 -32.08 -1.10 3.95
N GLU D 237 -32.10 -2.23 4.64
CA GLU D 237 -30.86 -2.96 4.83
C GLU D 237 -30.41 -3.60 3.52
N GLU D 238 -31.37 -4.05 2.71
CA GLU D 238 -31.05 -4.64 1.41
C GLU D 238 -31.92 -4.16 0.26
N VAL D 239 -31.44 -4.38 -0.96
CA VAL D 239 -32.15 -3.98 -2.18
C VAL D 239 -31.89 -5.02 -3.26
N TYR D 240 -32.95 -5.62 -3.79
CA TYR D 240 -32.81 -6.65 -4.80
C TYR D 240 -33.34 -6.30 -6.19
N TYR D 241 -32.44 -5.94 -7.09
CA TYR D 241 -32.83 -5.57 -8.45
C TYR D 241 -32.29 -6.56 -9.47
N ASP D 242 -33.20 -7.16 -10.24
CA ASP D 242 -32.84 -8.12 -11.27
C ASP D 242 -33.93 -8.16 -12.33
N SER D 243 -33.57 -8.64 -13.51
CA SER D 243 -34.55 -8.73 -14.58
C SER D 243 -35.59 -9.75 -14.14
N SER D 244 -35.18 -11.02 -14.04
CA SER D 244 -36.07 -12.09 -13.62
C SER D 244 -36.69 -11.80 -12.28
N LEU D 245 -37.89 -12.32 -12.05
CA LEU D 245 -38.58 -12.12 -10.79
C LEU D 245 -38.50 -13.36 -9.92
N TRP D 246 -38.13 -14.49 -10.53
CA TRP D 246 -38.00 -15.74 -9.81
C TRP D 246 -36.64 -15.73 -9.13
N THR D 247 -35.78 -14.83 -9.59
CA THR D 247 -34.45 -14.68 -9.03
C THR D 247 -34.58 -13.83 -7.78
N THR D 248 -35.28 -12.71 -7.91
CA THR D 248 -35.49 -11.82 -6.78
C THR D 248 -36.12 -12.61 -5.64
N LEU D 249 -36.84 -13.66 -5.99
CA LEU D 249 -37.50 -14.48 -4.99
C LEU D 249 -36.52 -15.37 -4.25
N LEU D 250 -35.90 -16.31 -4.97
CA LEU D 250 -34.94 -17.23 -4.38
C LEU D 250 -33.77 -16.53 -3.71
N ILE D 251 -33.36 -15.41 -4.29
CA ILE D 251 -32.23 -14.64 -3.81
C ILE D 251 -32.26 -14.10 -2.36
N ARG D 252 -33.33 -14.33 -1.62
CA ARG D 252 -33.35 -13.86 -0.23
C ARG D 252 -33.18 -15.06 0.71
N ASN D 253 -32.55 -14.83 1.86
CA ASN D 253 -32.30 -15.93 2.78
C ASN D 253 -32.81 -15.69 4.19
N PRO D 254 -33.91 -16.38 4.54
CA PRO D 254 -34.64 -16.38 5.81
C PRO D 254 -33.81 -17.07 6.88
N SER D 255 -33.42 -18.32 6.60
CA SER D 255 -32.59 -19.09 7.53
C SER D 255 -31.60 -18.13 8.16
N ARG D 256 -30.87 -17.40 7.32
CA ARG D 256 -29.89 -16.45 7.80
C ARG D 256 -30.49 -15.30 8.65
N LYS D 257 -31.64 -14.74 8.24
CA LYS D 257 -32.25 -13.68 9.03
C LYS D 257 -32.54 -14.28 10.40
N ILE D 258 -33.12 -15.48 10.36
CA ILE D 258 -33.46 -16.21 11.56
C ILE D 258 -32.25 -16.49 12.42
N LEU D 259 -31.28 -17.18 11.85
CA LEU D 259 -30.05 -17.54 12.54
C LEU D 259 -29.35 -16.37 13.23
N GLU D 260 -29.22 -15.24 12.53
CA GLU D 260 -28.56 -14.09 13.12
C GLU D 260 -29.37 -13.59 14.29
N PHE D 261 -30.67 -13.52 14.09
CA PHE D 261 -31.55 -13.07 15.15
C PHE D 261 -31.40 -14.02 16.32
N LEU D 262 -31.12 -15.30 16.01
CA LEU D 262 -30.94 -16.31 17.04
C LEU D 262 -29.55 -16.20 17.63
N TYR D 263 -28.87 -15.10 17.34
CA TYR D 263 -27.54 -14.85 17.85
C TYR D 263 -27.42 -13.41 18.32
N SER D 264 -28.57 -12.75 18.39
CA SER D 264 -28.63 -11.37 18.82
C SER D 264 -28.33 -11.36 20.30
N THR D 265 -28.73 -12.44 20.97
CA THR D 265 -28.55 -12.62 22.41
C THR D 265 -27.55 -13.72 22.72
N SER D 266 -26.27 -13.46 22.44
CA SER D 266 -25.24 -14.45 22.69
C SER D 266 -23.91 -13.77 22.97
N TYR D 267 -23.86 -12.47 22.76
CA TYR D 267 -22.63 -11.73 23.03
C TYR D 267 -22.86 -10.63 24.06
N ASN D 268 -21.77 -10.07 24.55
CA ASN D 268 -21.81 -9.02 25.57
C ASN D 268 -21.06 -7.76 25.10
#